data_2Q0D
#
_entry.id   2Q0D
#
_cell.length_a   80.190
_cell.length_b   41.970
_cell.length_c   106.420
_cell.angle_alpha   90.000
_cell.angle_beta   94.010
_cell.angle_gamma   90.000
#
_symmetry.space_group_name_H-M   'P 1 21 1'
#
loop_
_entity.id
_entity.type
_entity.pdbx_description
1 polymer 'RNA uridylyl transferase'
2 non-polymer 'MAGNESIUM ION'
3 non-polymer "ADENOSINE-5'-TRIPHOSPHATE"
4 water water
#
_entity_poly.entity_id   1
_entity_poly.type   'polypeptide(L)'
_entity_poly.pdbx_seq_one_letter_code
;MGSSHHHHHHSSGLVPRGSHMPPSPAVVGRSLVNSFKQFVSKDLHTRHVDATYRLVLDCVAAVDPLMRLYTFGSTVVYGV
HEKGSDVDFVVLNKTDVEDGKGGDAATQVAKGLQADILAKLARVIRQKHLSWNVEEVRRTRVPVVRVKGGGAVDFDITAY
RRNGVRNSALLRAYFEQNPPCRWLSMSIKRWSKQTGLNASVIGGSITSYGFNLMVVYYLLQRNHLQFVPPSTIDVSRVEP
LPPHLPLEEPADEGLELGTQVLDFLHFFLHEFDSDKQVISLNRPGITTKEELDWTKSAEDFARMNGEKVHYQWCIEDPYE
LNLNVGRNVTPLKRDFLRRHLEKARDTALLTIV
;
_entity_poly.pdbx_strand_id   A,B
#
loop_
_chem_comp.id
_chem_comp.type
_chem_comp.name
_chem_comp.formula
ATP non-polymer ADENOSINE-5'-TRIPHOSPHATE 'C10 H16 N5 O13 P3'
MG non-polymer 'MAGNESIUM ION' 'Mg 2'
#
# COMPACT_ATOMS: atom_id res chain seq x y z
N PRO A 23 -41.25 -26.92 -5.18
CA PRO A 23 -40.66 -28.25 -5.27
C PRO A 23 -40.36 -28.88 -3.90
N SER A 24 -40.43 -30.22 -3.85
CA SER A 24 -40.18 -30.99 -2.65
C SER A 24 -38.68 -31.01 -2.35
N PRO A 25 -38.30 -31.30 -1.09
CA PRO A 25 -36.89 -31.61 -0.76
C PRO A 25 -36.19 -32.61 -1.68
N ALA A 26 -36.86 -33.71 -2.04
CA ALA A 26 -36.28 -34.72 -2.95
C ALA A 26 -36.00 -34.15 -4.32
N VAL A 27 -36.96 -33.41 -4.85
CA VAL A 27 -36.82 -32.74 -6.14
C VAL A 27 -35.60 -31.82 -6.12
N VAL A 28 -35.52 -30.95 -5.09
CA VAL A 28 -34.37 -30.06 -4.83
C VAL A 28 -33.07 -30.85 -4.65
N GLY A 29 -33.10 -31.92 -3.85
CA GLY A 29 -31.91 -32.73 -3.60
C GLY A 29 -31.38 -33.42 -4.85
N ARG A 30 -32.29 -33.94 -5.67
CA ARG A 30 -31.95 -34.53 -6.98
C ARG A 30 -31.30 -33.54 -7.95
N SER A 31 -31.90 -32.36 -8.13
CA SER A 31 -31.30 -31.32 -9.00
C SER A 31 -29.90 -30.97 -8.55
N LEU A 32 -29.72 -30.84 -7.24
CA LEU A 32 -28.42 -30.44 -6.69
C LEU A 32 -27.37 -31.53 -6.87
N VAL A 33 -27.72 -32.77 -6.52
CA VAL A 33 -26.76 -33.89 -6.73
C VAL A 33 -26.44 -33.97 -8.23
N ASN A 34 -27.47 -33.79 -9.05
CA ASN A 34 -27.35 -33.68 -10.50
C ASN A 34 -26.48 -32.51 -11.02
N SER A 35 -26.41 -31.40 -10.28
CA SER A 35 -25.57 -30.26 -10.70
C SER A 35 -24.08 -30.42 -10.33
N PHE A 36 -23.80 -31.26 -9.34
CA PHE A 36 -22.42 -31.49 -8.89
C PHE A 36 -21.77 -32.74 -9.50
N LYS A 37 -22.47 -33.42 -10.41
CA LYS A 37 -21.97 -34.68 -10.96
C LYS A 37 -20.66 -34.47 -11.75
N GLN A 38 -20.61 -33.35 -12.48
CA GLN A 38 -19.41 -32.89 -13.17
C GLN A 38 -18.27 -32.57 -12.20
N PHE A 39 -18.61 -32.03 -11.02
CA PHE A 39 -17.63 -31.69 -9.99
C PHE A 39 -16.94 -32.94 -9.41
N VAL A 40 -17.72 -33.96 -9.06
CA VAL A 40 -17.20 -35.23 -8.50
C VAL A 40 -16.28 -36.03 -9.46
N SER A 41 -16.51 -35.91 -10.77
CA SER A 41 -15.67 -36.55 -11.78
C SER A 41 -14.27 -35.95 -11.78
N HIS A 48 -4.00 -31.76 -4.61
CA HIS A 48 -3.63 -30.90 -5.73
C HIS A 48 -2.83 -29.65 -5.32
N VAL A 49 -3.17 -29.10 -4.14
CA VAL A 49 -2.63 -27.82 -3.66
C VAL A 49 -1.15 -27.88 -3.23
N ASP A 50 -0.62 -29.08 -3.04
CA ASP A 50 0.76 -29.31 -2.59
C ASP A 50 1.82 -28.51 -3.36
N ALA A 51 1.69 -28.54 -4.68
CA ALA A 51 2.69 -28.02 -5.60
C ALA A 51 2.64 -26.52 -5.68
N THR A 52 1.43 -25.98 -5.63
CA THR A 52 1.22 -24.53 -5.48
C THR A 52 1.76 -24.04 -4.15
N TYR A 53 1.46 -24.75 -3.06
CA TYR A 53 2.05 -24.46 -1.77
C TYR A 53 3.58 -24.35 -1.91
N ARG A 54 4.19 -25.35 -2.56
CA ARG A 54 5.65 -25.39 -2.71
C ARG A 54 6.18 -24.30 -3.63
N LEU A 55 5.52 -24.06 -4.74
CA LEU A 55 5.90 -22.91 -5.59
C LEU A 55 5.89 -21.57 -4.84
N VAL A 56 4.89 -21.37 -3.98
CA VAL A 56 4.77 -20.14 -3.18
C VAL A 56 5.86 -20.12 -2.11
N LEU A 57 6.12 -21.28 -1.47
CA LEU A 57 7.17 -21.34 -0.45
C LEU A 57 8.58 -21.08 -1.04
N ASP A 58 8.80 -21.51 -2.28
CA ASP A 58 10.01 -21.16 -3.02
C ASP A 58 10.18 -19.64 -3.04
N CYS A 59 9.09 -18.90 -3.31
CA CYS A 59 9.18 -17.43 -3.26
C CYS A 59 9.38 -16.87 -1.86
N VAL A 60 8.61 -17.35 -0.88
CA VAL A 60 8.71 -16.90 0.50
C VAL A 60 10.16 -17.06 1.01
N ALA A 61 10.72 -18.27 0.86
CA ALA A 61 12.09 -18.57 1.27
C ALA A 61 13.15 -17.62 0.69
N ALA A 62 13.03 -17.30 -0.61
CA ALA A 62 13.92 -16.32 -1.27
C ALA A 62 13.93 -14.93 -0.64
N VAL A 63 12.81 -14.57 0.00
CA VAL A 63 12.69 -13.32 0.76
C VAL A 63 13.24 -13.55 2.16
N ASP A 64 12.89 -14.68 2.78
CA ASP A 64 13.25 -14.97 4.17
C ASP A 64 13.10 -16.47 4.42
N PRO A 65 14.24 -17.19 4.60
CA PRO A 65 14.19 -18.64 4.77
C PRO A 65 13.57 -19.10 6.10
N LEU A 66 13.43 -18.19 7.06
CA LEU A 66 12.75 -18.50 8.34
C LEU A 66 11.19 -18.28 8.36
N MET A 67 10.66 -17.65 7.32
CA MET A 67 9.21 -17.35 7.23
C MET A 67 8.38 -18.59 6.88
N ARG A 68 7.25 -18.79 7.56
CA ARG A 68 6.37 -19.93 7.33
C ARG A 68 5.25 -19.55 6.34
N LEU A 69 4.70 -20.55 5.65
CA LEU A 69 3.52 -20.39 4.81
C LEU A 69 2.33 -21.21 5.33
N TYR A 70 1.21 -20.53 5.63
CA TYR A 70 0.02 -21.20 6.07
C TYR A 70 -1.08 -21.04 5.01
N THR A 71 -1.92 -22.06 4.88
CA THR A 71 -3.04 -22.02 3.95
C THR A 71 -4.33 -21.73 4.73
N PHE A 72 -5.31 -21.12 4.08
CA PHE A 72 -6.60 -20.97 4.72
C PHE A 72 -7.70 -20.80 3.66
N GLY A 73 -8.84 -20.26 4.06
CA GLY A 73 -10.01 -20.14 3.12
C GLY A 73 -10.55 -21.51 2.77
N SER A 74 -11.33 -21.64 1.68
CA SER A 74 -12.16 -22.83 1.32
C SER A 74 -11.47 -24.17 1.26
N THR A 75 -10.22 -24.15 0.79
CA THR A 75 -9.32 -25.32 0.71
C THR A 75 -9.23 -25.95 2.09
N VAL A 76 -8.97 -25.09 3.09
CA VAL A 76 -8.92 -25.51 4.49
C VAL A 76 -10.28 -25.82 5.14
N VAL A 77 -11.23 -24.90 4.96
CA VAL A 77 -12.60 -25.10 5.49
C VAL A 77 -13.19 -26.42 5.01
N TYR A 78 -13.07 -26.69 3.71
CA TYR A 78 -13.69 -27.90 3.16
C TYR A 78 -12.77 -29.13 3.20
N GLY A 79 -11.46 -28.91 3.23
CA GLY A 79 -10.55 -30.03 2.99
C GLY A 79 -10.54 -30.49 1.53
N VAL A 80 -11.18 -29.70 0.67
CA VAL A 80 -11.23 -29.92 -0.80
C VAL A 80 -10.97 -28.57 -1.51
N HIS A 81 -10.22 -28.61 -2.60
CA HIS A 81 -10.00 -27.43 -3.44
C HIS A 81 -10.94 -27.47 -4.63
N GLU A 82 -11.86 -26.49 -4.70
CA GLU A 82 -12.85 -26.44 -5.76
C GLU A 82 -12.21 -25.79 -6.97
N LYS A 83 -12.56 -26.27 -8.17
CA LYS A 83 -12.33 -25.48 -9.40
C LYS A 83 -13.14 -24.18 -9.33
N GLY A 84 -12.49 -23.08 -9.69
CA GLY A 84 -13.13 -21.75 -9.63
C GLY A 84 -12.97 -21.06 -8.28
N SER A 85 -12.24 -21.69 -7.36
CA SER A 85 -11.80 -21.02 -6.13
C SER A 85 -10.29 -20.78 -6.20
N ASP A 86 -9.87 -19.62 -5.72
CA ASP A 86 -8.47 -19.34 -5.42
C ASP A 86 -7.93 -20.19 -4.22
N VAL A 87 -6.66 -19.97 -3.86
CA VAL A 87 -6.09 -20.44 -2.59
C VAL A 87 -5.75 -19.19 -1.77
N ASP A 88 -6.06 -19.22 -0.48
CA ASP A 88 -5.64 -18.16 0.46
C ASP A 88 -4.39 -18.61 1.23
N PHE A 89 -3.31 -17.82 1.16
CA PHE A 89 -2.07 -18.07 1.91
C PHE A 89 -1.76 -16.88 2.84
N VAL A 90 -1.02 -17.15 3.92
CA VAL A 90 -0.47 -16.09 4.75
C VAL A 90 0.94 -16.47 5.14
N VAL A 91 1.80 -15.47 5.15
CA VAL A 91 3.16 -15.67 5.59
C VAL A 91 3.25 -15.31 7.08
N LEU A 92 3.83 -16.21 7.87
CA LEU A 92 3.96 -16.00 9.32
C LEU A 92 5.40 -16.20 9.76
N ASN A 93 5.84 -15.41 10.73
CA ASN A 93 7.10 -15.66 11.41
C ASN A 93 6.88 -16.68 12.50
N LYS A 94 7.94 -17.39 12.90
CA LYS A 94 7.89 -18.30 14.05
C LYS A 94 7.17 -17.71 15.28
N THR A 95 7.45 -16.47 15.65
CA THR A 95 6.81 -15.93 16.83
C THR A 95 5.31 -15.62 16.61
N ASP A 96 4.88 -15.45 15.34
CA ASP A 96 3.45 -15.28 15.04
C ASP A 96 2.73 -16.60 15.30
N VAL A 97 3.32 -17.70 14.88
CA VAL A 97 2.74 -19.04 15.07
C VAL A 97 2.66 -19.43 16.57
N GLU A 98 3.73 -19.16 17.32
CA GLU A 98 3.79 -19.52 18.77
C GLU A 98 2.76 -18.73 19.56
N ASP A 99 2.44 -17.53 19.11
CA ASP A 99 1.39 -16.75 19.78
C ASP A 99 0.06 -17.21 19.17
N GLY A 100 -0.19 -18.51 19.32
CA GLY A 100 -1.20 -19.23 18.55
C GLY A 100 -2.62 -18.70 18.71
N LYS A 101 -2.84 -17.94 19.77
CA LYS A 101 -4.18 -17.40 20.05
C LYS A 101 -4.21 -15.89 20.12
N GLY A 102 -3.11 -15.23 19.76
CA GLY A 102 -3.07 -13.77 19.79
C GLY A 102 -3.97 -13.17 18.71
N GLY A 103 -4.45 -11.95 19.01
CA GLY A 103 -5.31 -11.18 18.09
C GLY A 103 -4.44 -10.50 17.06
N ASP A 104 -5.04 -9.97 16.00
CA ASP A 104 -4.27 -9.21 14.99
C ASP A 104 -4.48 -7.72 15.15
N ALA A 105 -3.37 -6.99 15.27
CA ALA A 105 -3.41 -5.54 15.39
C ALA A 105 -4.03 -4.90 14.17
N ALA A 106 -4.89 -3.92 14.45
CA ALA A 106 -5.57 -3.15 13.43
C ALA A 106 -5.01 -1.73 13.48
N THR A 107 -3.70 -1.64 13.36
CA THR A 107 -3.00 -0.39 13.44
C THR A 107 -2.34 -0.11 12.10
N GLN A 108 -2.00 1.15 11.91
CA GLN A 108 -1.39 1.62 10.70
C GLN A 108 0.04 1.09 10.61
N VAL A 109 0.71 0.88 11.74
CA VAL A 109 2.04 0.26 11.61
C VAL A 109 1.97 -1.22 11.26
N ALA A 110 0.97 -1.95 11.78
CA ALA A 110 0.78 -3.36 11.40
C ALA A 110 0.62 -3.47 9.87
N LYS A 111 -0.25 -2.64 9.34
CA LYS A 111 -0.51 -2.58 7.91
C LYS A 111 0.74 -2.17 7.10
N GLY A 112 1.53 -1.21 7.60
CA GLY A 112 2.82 -0.85 7.01
C GLY A 112 3.81 -1.99 6.93
N LEU A 113 3.96 -2.72 8.04
CA LEU A 113 4.76 -3.93 8.06
C LEU A 113 4.35 -5.02 7.06
N GLN A 114 3.05 -5.22 6.92
CA GLN A 114 2.50 -6.24 6.04
C GLN A 114 2.77 -5.85 4.57
N ALA A 115 2.50 -4.60 4.22
CA ALA A 115 2.75 -4.04 2.87
C ALA A 115 4.23 -4.18 2.45
N ASP A 116 5.10 -3.93 3.41
CA ASP A 116 6.55 -3.93 3.23
C ASP A 116 7.02 -5.34 2.85
N ILE A 117 6.68 -6.34 3.66
CA ILE A 117 7.01 -7.74 3.31
C ILE A 117 6.36 -8.26 2.02
N LEU A 118 5.09 -7.90 1.78
CA LEU A 118 4.35 -8.29 0.58
C LEU A 118 4.92 -7.67 -0.70
N ALA A 119 5.46 -6.48 -0.60
CA ALA A 119 6.14 -5.80 -1.73
C ALA A 119 7.33 -6.61 -2.16
N LYS A 120 8.08 -7.05 -1.16
CA LYS A 120 9.29 -7.83 -1.42
C LYS A 120 8.95 -9.16 -2.04
N LEU A 121 7.95 -9.83 -1.49
CA LEU A 121 7.54 -11.11 -2.00
C LEU A 121 7.04 -10.98 -3.43
N ALA A 122 6.23 -9.94 -3.68
CA ALA A 122 5.65 -9.68 -5.00
C ALA A 122 6.71 -9.59 -6.08
N ARG A 123 7.82 -8.94 -5.73
CA ARG A 123 8.97 -8.71 -6.54
C ARG A 123 9.66 -10.05 -6.85
N VAL A 124 9.77 -10.90 -5.83
CA VAL A 124 10.30 -12.26 -6.03
C VAL A 124 9.41 -13.13 -6.94
N ILE A 125 8.11 -13.16 -6.68
CA ILE A 125 7.17 -13.85 -7.56
C ILE A 125 7.22 -13.43 -9.05
N ARG A 126 7.32 -12.13 -9.33
CA ARG A 126 7.43 -11.64 -10.70
C ARG A 126 8.73 -12.12 -11.35
N GLN A 127 9.81 -12.06 -10.59
CA GLN A 127 11.13 -12.57 -11.00
C GLN A 127 11.02 -14.03 -11.44
N LYS A 128 10.49 -14.86 -10.55
CA LYS A 128 10.50 -16.31 -10.74
C LYS A 128 9.39 -16.79 -11.66
N HIS A 129 8.39 -15.94 -11.93
CA HIS A 129 7.29 -16.29 -12.82
C HIS A 129 6.85 -15.14 -13.69
N LEU A 130 7.64 -14.88 -14.76
CA LEU A 130 7.37 -13.79 -15.71
C LEU A 130 5.96 -13.73 -16.29
N SER A 131 5.24 -14.85 -16.30
CA SER A 131 3.93 -14.93 -16.94
C SER A 131 2.74 -14.64 -15.98
N TRP A 132 3.02 -14.57 -14.68
CA TRP A 132 1.97 -14.35 -13.70
C TRP A 132 1.60 -12.88 -13.62
N ASN A 133 0.31 -12.59 -13.49
CA ASN A 133 -0.09 -11.26 -13.02
C ASN A 133 0.01 -11.23 -11.50
N VAL A 134 0.84 -10.32 -11.00
CA VAL A 134 1.05 -10.13 -9.56
C VAL A 134 0.54 -8.74 -9.22
N GLU A 135 -0.58 -8.65 -8.51
CA GLU A 135 -1.17 -7.37 -8.19
C GLU A 135 -1.02 -7.06 -6.71
N GLU A 136 -0.43 -5.90 -6.41
CA GLU A 136 -0.36 -5.45 -5.03
C GLU A 136 -1.61 -4.60 -4.83
N VAL A 137 -2.56 -5.20 -4.10
CA VAL A 137 -3.93 -4.70 -3.96
C VAL A 137 -3.95 -3.78 -2.74
N ARG A 138 -4.26 -2.52 -2.95
CA ARG A 138 -4.26 -1.56 -1.86
C ARG A 138 -5.66 -0.97 -1.52
N ARG A 139 -6.70 -1.45 -2.21
CA ARG A 139 -8.11 -1.08 -1.93
C ARG A 139 -8.64 -1.36 -0.50
N THR A 140 -7.96 -2.25 0.21
CA THR A 140 -8.58 -3.17 1.15
C THR A 140 -8.23 -2.87 2.61
N ARG A 141 -9.00 -3.48 3.53
CA ARG A 141 -8.71 -3.49 4.99
C ARG A 141 -7.33 -4.12 5.30
N VAL A 142 -7.03 -5.23 4.62
CA VAL A 142 -5.80 -6.04 4.82
C VAL A 142 -4.93 -6.01 3.53
N PRO A 143 -3.63 -5.61 3.64
CA PRO A 143 -2.75 -5.68 2.48
C PRO A 143 -2.65 -7.09 1.91
N VAL A 144 -2.75 -7.19 0.58
CA VAL A 144 -2.82 -8.45 -0.12
C VAL A 144 -2.10 -8.34 -1.45
N VAL A 145 -1.52 -9.47 -1.84
CA VAL A 145 -0.90 -9.64 -3.16
C VAL A 145 -1.79 -10.66 -3.87
N ARG A 146 -2.39 -10.29 -5.02
CA ARG A 146 -3.28 -11.17 -5.76
C ARG A 146 -2.59 -11.64 -7.01
N VAL A 147 -2.50 -12.95 -7.17
CA VAL A 147 -1.71 -13.56 -8.22
C VAL A 147 -2.64 -14.40 -9.09
N LYS A 148 -2.74 -14.03 -10.37
CA LYS A 148 -3.40 -14.83 -11.40
C LYS A 148 -2.36 -15.25 -12.43
N GLY A 149 -2.13 -16.56 -12.52
CA GLY A 149 -1.10 -17.14 -13.42
C GLY A 149 -1.55 -17.67 -14.79
N GLY A 150 -2.86 -17.88 -14.98
CA GLY A 150 -3.36 -18.43 -16.24
C GLY A 150 -3.81 -19.89 -16.18
N GLY A 151 -3.07 -20.75 -15.49
CA GLY A 151 -3.49 -22.16 -15.39
C GLY A 151 -4.63 -22.34 -14.40
N ALA A 152 -5.63 -21.46 -14.49
CA ALA A 152 -6.57 -21.19 -13.40
C ALA A 152 -5.85 -21.14 -12.05
N VAL A 153 -4.55 -20.80 -12.08
CA VAL A 153 -3.72 -20.72 -10.86
C VAL A 153 -3.90 -19.33 -10.22
N ASP A 154 -4.79 -19.27 -9.21
CA ASP A 154 -5.20 -18.05 -8.54
C ASP A 154 -4.97 -18.14 -7.04
N PHE A 155 -4.31 -17.13 -6.47
CA PHE A 155 -4.15 -17.08 -5.02
C PHE A 155 -3.90 -15.66 -4.47
N ASP A 156 -4.36 -15.45 -3.23
CA ASP A 156 -4.14 -14.25 -2.43
C ASP A 156 -3.09 -14.58 -1.38
N ILE A 157 -2.15 -13.67 -1.16
CA ILE A 157 -1.19 -13.84 -0.07
C ILE A 157 -1.24 -12.61 0.81
N THR A 158 -1.32 -12.85 2.11
CA THR A 158 -1.30 -11.79 3.11
C THR A 158 -0.13 -12.04 4.06
N ALA A 159 0.09 -11.15 5.03
CA ALA A 159 1.19 -11.39 5.97
C ALA A 159 0.80 -11.12 7.41
N TYR A 160 1.44 -11.87 8.30
CA TYR A 160 1.57 -11.58 9.71
C TYR A 160 0.25 -11.60 10.46
N ARG A 161 -0.70 -12.39 9.98
CA ARG A 161 -2.03 -12.36 10.55
C ARG A 161 -2.45 -13.80 10.80
N ARG A 162 -3.02 -14.05 11.98
CA ARG A 162 -3.51 -15.36 12.37
C ARG A 162 -5.00 -15.52 12.05
N ASN A 163 -5.76 -14.42 11.94
CA ASN A 163 -7.24 -14.54 11.98
C ASN A 163 -7.83 -15.34 10.85
N GLY A 164 -7.25 -15.22 9.65
CA GLY A 164 -7.63 -16.02 8.53
C GLY A 164 -7.39 -17.49 8.72
N VAL A 165 -6.21 -17.86 9.22
CA VAL A 165 -6.01 -19.29 9.55
C VAL A 165 -6.92 -19.77 10.71
N ARG A 166 -7.17 -18.92 11.71
CA ARG A 166 -8.06 -19.32 12.81
C ARG A 166 -9.50 -19.45 12.40
N ASN A 167 -10.04 -18.47 11.68
CA ASN A 167 -11.43 -18.64 11.25
C ASN A 167 -11.66 -19.84 10.30
N SER A 168 -10.68 -20.14 9.47
CA SER A 168 -10.81 -21.30 8.58
C SER A 168 -10.70 -22.62 9.33
N ALA A 169 -9.85 -22.66 10.37
CA ALA A 169 -9.73 -23.85 11.23
C ALA A 169 -10.97 -24.07 12.07
N LEU A 170 -11.52 -22.98 12.56
CA LEU A 170 -12.82 -23.03 13.21
C LEU A 170 -13.89 -23.63 12.32
N LEU A 171 -14.06 -23.06 11.13
CA LEU A 171 -15.04 -23.60 10.14
C LEU A 171 -14.75 -25.04 9.74
N ARG A 172 -13.48 -25.37 9.57
CA ARG A 172 -13.06 -26.76 9.28
C ARG A 172 -13.49 -27.74 10.38
N ALA A 173 -13.20 -27.39 11.63
CA ALA A 173 -13.58 -28.15 12.78
C ALA A 173 -15.06 -28.37 12.77
N TYR A 174 -15.84 -27.33 12.47
CA TYR A 174 -17.30 -27.55 12.35
C TYR A 174 -17.65 -28.54 11.29
N PHE A 175 -17.10 -28.36 10.10
CA PHE A 175 -17.44 -29.33 9.04
C PHE A 175 -16.90 -30.72 9.25
N GLU A 176 -15.80 -30.85 10.00
CA GLU A 176 -15.30 -32.19 10.42
C GLU A 176 -16.27 -32.97 11.34
N GLN A 177 -17.05 -32.26 12.15
CA GLN A 177 -18.09 -32.86 12.97
C GLN A 177 -19.17 -33.53 12.16
N ASN A 178 -19.52 -32.93 11.01
CA ASN A 178 -20.59 -33.40 10.14
C ASN A 178 -20.21 -33.16 8.67
N PRO A 179 -19.29 -33.99 8.12
CA PRO A 179 -18.73 -33.78 6.77
C PRO A 179 -19.74 -33.55 5.62
N PRO A 180 -20.86 -34.30 5.56
CA PRO A 180 -21.84 -34.04 4.50
C PRO A 180 -22.47 -32.65 4.47
N CYS A 181 -22.38 -31.91 5.56
CA CYS A 181 -22.89 -30.53 5.55
C CYS A 181 -22.11 -29.63 4.62
N ARG A 182 -20.94 -30.07 4.16
CA ARG A 182 -20.15 -29.26 3.21
C ARG A 182 -20.94 -29.05 1.90
N TRP A 183 -21.81 -30.00 1.55
CA TRP A 183 -22.65 -29.85 0.37
C TRP A 183 -23.66 -28.74 0.52
N LEU A 184 -24.17 -28.49 1.72
CA LEU A 184 -25.05 -27.34 1.88
C LEU A 184 -24.32 -26.02 1.65
N SER A 185 -23.16 -25.91 2.27
CA SER A 185 -22.31 -24.75 2.20
C SER A 185 -21.85 -24.55 0.75
N MET A 186 -21.40 -25.63 0.11
CA MET A 186 -20.95 -25.59 -1.29
C MET A 186 -22.08 -25.16 -2.24
N SER A 187 -23.29 -25.67 -1.99
CA SER A 187 -24.49 -25.29 -2.75
C SER A 187 -24.84 -23.80 -2.54
N ILE A 188 -24.77 -23.33 -1.30
CA ILE A 188 -25.05 -21.94 -1.02
C ILE A 188 -23.96 -21.03 -1.62
N LYS A 189 -22.69 -21.44 -1.61
CA LYS A 189 -21.66 -20.59 -2.18
C LYS A 189 -21.83 -20.39 -3.67
N ARG A 190 -22.13 -21.48 -4.38
CA ARG A 190 -22.26 -21.42 -5.86
C ARG A 190 -23.46 -20.58 -6.27
N TRP A 191 -24.58 -20.80 -5.60
CA TRP A 191 -25.78 -20.00 -5.80
C TRP A 191 -25.50 -18.52 -5.57
N SER A 192 -24.76 -18.19 -4.51
CA SER A 192 -24.50 -16.78 -4.19
C SER A 192 -23.67 -16.05 -5.26
N LYS A 193 -22.73 -16.77 -5.88
CA LYS A 193 -21.92 -16.27 -6.97
C LYS A 193 -22.72 -16.15 -8.28
N GLN A 194 -23.74 -17.01 -8.46
CA GLN A 194 -24.59 -17.03 -9.67
C GLN A 194 -25.72 -16.01 -9.65
N THR A 195 -26.15 -15.63 -8.45
CA THR A 195 -27.24 -14.65 -8.26
C THR A 195 -26.76 -13.20 -8.06
N GLY A 196 -25.45 -12.99 -7.98
CA GLY A 196 -24.89 -11.67 -7.67
C GLY A 196 -24.98 -11.23 -6.20
N LEU A 197 -25.29 -12.16 -5.28
CA LEU A 197 -25.22 -11.87 -3.84
C LEU A 197 -23.78 -11.84 -3.32
N ASN A 198 -22.97 -12.78 -3.79
CA ASN A 198 -21.57 -12.92 -3.37
C ASN A 198 -20.82 -11.68 -3.74
N ALA A 199 -19.99 -11.21 -2.82
CA ALA A 199 -19.21 -10.01 -2.94
C ALA A 199 -18.23 -10.10 -4.10
N SER A 200 -17.97 -11.30 -4.63
CA SER A 200 -17.00 -11.46 -5.73
C SER A 200 -17.59 -10.97 -7.06
N VAL A 201 -18.89 -10.67 -7.06
CA VAL A 201 -19.59 -10.18 -8.24
C VAL A 201 -19.96 -8.71 -8.04
N ILE A 202 -19.89 -7.93 -9.13
CA ILE A 202 -20.35 -6.53 -9.09
C ILE A 202 -21.72 -6.40 -8.44
N GLY A 203 -21.82 -5.53 -7.43
CA GLY A 203 -23.10 -5.33 -6.76
C GLY A 203 -23.37 -6.29 -5.60
N GLY A 204 -22.45 -7.23 -5.36
CA GLY A 204 -22.65 -8.26 -4.36
C GLY A 204 -22.34 -7.77 -2.97
N SER A 205 -22.91 -8.38 -1.96
CA SER A 205 -22.81 -7.78 -0.62
C SER A 205 -22.07 -8.62 0.44
N ILE A 206 -22.05 -9.94 0.28
CA ILE A 206 -21.52 -10.84 1.29
C ILE A 206 -20.48 -11.80 0.69
N THR A 207 -19.28 -11.87 1.29
CA THR A 207 -18.25 -12.82 0.85
C THR A 207 -18.69 -14.25 1.04
N SER A 208 -17.98 -15.19 0.36
CA SER A 208 -18.11 -16.64 0.61
C SER A 208 -17.97 -16.98 2.07
N TYR A 209 -16.99 -16.37 2.73
CA TYR A 209 -16.76 -16.51 4.18
C TYR A 209 -18.01 -16.13 5.02
N GLY A 210 -18.57 -14.96 4.71
CA GLY A 210 -19.89 -14.55 5.18
C GLY A 210 -20.97 -15.61 5.06
N PHE A 211 -21.09 -16.21 3.87
CA PHE A 211 -22.06 -17.29 3.64
C PHE A 211 -21.81 -18.52 4.50
N ASN A 212 -20.54 -18.87 4.66
CA ASN A 212 -20.14 -19.96 5.58
C ASN A 212 -20.55 -19.73 7.00
N LEU A 213 -20.35 -18.52 7.47
CA LEU A 213 -20.83 -18.19 8.81
C LEU A 213 -22.33 -18.35 9.04
N MET A 214 -23.09 -18.00 8.00
CA MET A 214 -24.54 -18.15 7.94
C MET A 214 -24.98 -19.61 7.93
N VAL A 215 -24.27 -20.44 7.15
CA VAL A 215 -24.50 -21.91 7.11
C VAL A 215 -24.28 -22.57 8.45
N VAL A 216 -23.13 -22.29 9.07
CA VAL A 216 -22.83 -22.83 10.37
C VAL A 216 -23.77 -22.31 11.49
N TYR A 217 -24.05 -21.00 11.51
CA TYR A 217 -25.03 -20.44 12.41
C TYR A 217 -26.35 -21.20 12.35
N TYR A 218 -26.92 -21.27 11.14
CA TYR A 218 -28.07 -22.10 10.86
C TYR A 218 -27.91 -23.54 11.37
N LEU A 219 -26.83 -24.24 10.98
CA LEU A 219 -26.66 -25.64 11.42
C LEU A 219 -26.65 -25.75 12.96
N LEU A 220 -25.95 -24.85 13.64
CA LEU A 220 -25.94 -24.75 15.12
C LEU A 220 -27.35 -24.58 15.69
N GLN A 221 -28.10 -23.65 15.11
CA GLN A 221 -29.49 -23.41 15.48
C GLN A 221 -30.33 -24.69 15.36
N ARG A 222 -30.07 -25.51 14.36
CA ARG A 222 -30.83 -26.74 14.24
C ARG A 222 -30.19 -27.99 14.89
N ASN A 223 -29.09 -27.82 15.63
CA ASN A 223 -28.42 -28.95 16.29
C ASN A 223 -27.76 -29.94 15.40
N HIS A 224 -27.45 -29.56 14.17
CA HIS A 224 -26.71 -30.47 13.29
C HIS A 224 -25.25 -30.36 13.66
N LEU A 225 -24.95 -29.43 14.56
CA LEU A 225 -23.57 -29.18 14.96
C LEU A 225 -23.53 -28.83 16.41
N GLN A 226 -22.42 -29.20 17.04
CA GLN A 226 -22.14 -28.96 18.44
C GLN A 226 -21.22 -27.73 18.55
N PHE A 227 -21.62 -26.77 19.40
CA PHE A 227 -20.84 -25.53 19.57
C PHE A 227 -19.34 -25.70 19.89
N VAL A 228 -18.54 -24.92 19.17
CA VAL A 228 -17.08 -24.84 19.36
C VAL A 228 -16.70 -23.43 19.74
N PRO A 229 -16.24 -23.23 20.99
CA PRO A 229 -15.82 -21.87 21.34
C PRO A 229 -14.65 -21.39 20.46
N PRO A 230 -14.80 -20.22 19.83
CA PRO A 230 -13.73 -19.79 18.93
C PRO A 230 -12.33 -19.74 19.62
N SER A 231 -12.28 -19.39 20.89
CA SER A 231 -11.02 -19.33 21.66
C SER A 231 -10.22 -20.64 21.72
N THR A 232 -10.86 -21.78 21.51
CA THR A 232 -10.16 -23.08 21.57
C THR A 232 -9.31 -23.38 20.34
N ILE A 233 -9.54 -22.65 19.26
CA ILE A 233 -8.64 -22.70 18.06
C ILE A 233 -7.29 -22.00 18.29
N ASP A 234 -6.21 -22.76 18.10
CA ASP A 234 -4.84 -22.40 18.44
C ASP A 234 -4.00 -22.59 17.16
N VAL A 235 -3.51 -21.48 16.63
CA VAL A 235 -2.76 -21.50 15.38
C VAL A 235 -1.44 -22.29 15.55
N SER A 236 -0.90 -22.35 16.77
CA SER A 236 0.33 -23.13 16.98
C SER A 236 0.06 -24.66 16.84
N ARG A 237 -1.20 -25.05 16.72
CA ARG A 237 -1.58 -26.45 16.60
C ARG A 237 -2.23 -26.82 15.26
N VAL A 238 -2.33 -25.87 14.33
CA VAL A 238 -2.88 -26.17 13.02
C VAL A 238 -1.76 -26.55 12.04
N GLU A 239 -2.11 -27.39 11.07
CA GLU A 239 -1.29 -27.69 9.90
C GLU A 239 -1.12 -26.50 8.95
N PRO A 240 0.13 -26.17 8.57
CA PRO A 240 0.33 -25.19 7.47
C PRO A 240 -0.48 -25.54 6.22
N LEU A 241 -0.50 -26.82 5.85
CA LEU A 241 -1.33 -27.36 4.80
C LEU A 241 -2.07 -28.59 5.33
N PRO A 242 -3.32 -28.39 5.82
CA PRO A 242 -4.11 -29.49 6.34
C PRO A 242 -4.42 -30.59 5.32
N PRO A 243 -4.61 -31.80 5.81
CA PRO A 243 -4.89 -32.91 4.91
C PRO A 243 -6.22 -32.73 4.18
N HIS A 244 -6.32 -33.37 3.02
CA HIS A 244 -7.56 -33.48 2.24
C HIS A 244 -8.60 -34.22 3.10
N LEU A 245 -9.88 -33.86 2.93
CA LEU A 245 -10.94 -34.48 3.70
C LEU A 245 -11.95 -34.98 2.70
N PRO A 246 -11.99 -36.30 2.47
CA PRO A 246 -12.81 -36.87 1.39
C PRO A 246 -14.25 -36.39 1.37
N LEU A 247 -14.73 -36.14 0.17
CA LEU A 247 -16.09 -35.71 -0.08
C LEU A 247 -16.72 -36.81 -0.92
N GLU A 248 -17.85 -37.34 -0.46
CA GLU A 248 -18.54 -38.39 -1.17
C GLU A 248 -19.93 -37.90 -1.55
N GLU A 249 -20.42 -38.35 -2.71
CA GLU A 249 -21.77 -37.99 -3.16
C GLU A 249 -22.80 -38.27 -2.10
N PRO A 250 -23.85 -37.43 -2.00
CA PRO A 250 -24.96 -37.81 -1.12
C PRO A 250 -25.55 -39.14 -1.60
N ALA A 251 -25.53 -40.17 -0.75
CA ALA A 251 -25.95 -41.53 -1.16
C ALA A 251 -27.47 -41.80 -1.06
N ASP A 252 -28.17 -40.86 -0.41
CA ASP A 252 -29.63 -40.85 -0.30
C ASP A 252 -30.31 -40.10 -1.45
N GLU A 253 -29.62 -39.94 -2.58
CA GLU A 253 -30.12 -39.14 -3.73
C GLU A 253 -30.22 -37.63 -3.42
N GLY A 254 -29.81 -37.23 -2.23
CA GLY A 254 -29.77 -35.83 -1.87
C GLY A 254 -30.96 -35.36 -1.08
N LEU A 255 -31.76 -36.28 -0.55
CA LEU A 255 -32.93 -35.92 0.25
C LEU A 255 -32.59 -34.98 1.40
N GLU A 256 -31.48 -35.28 2.10
CA GLU A 256 -31.05 -34.51 3.28
C GLU A 256 -30.49 -33.17 2.86
N LEU A 257 -29.66 -33.16 1.82
CA LEU A 257 -29.27 -31.93 1.16
C LEU A 257 -30.44 -31.02 0.82
N GLY A 258 -31.43 -31.56 0.11
CA GLY A 258 -32.58 -30.77 -0.35
C GLY A 258 -33.40 -30.31 0.83
N THR A 259 -33.45 -31.12 1.86
CA THR A 259 -34.18 -30.79 3.07
C THR A 259 -33.46 -29.65 3.80
N GLN A 260 -32.13 -29.75 3.91
CA GLN A 260 -31.29 -28.72 4.55
C GLN A 260 -31.37 -27.39 3.81
N VAL A 261 -31.32 -27.43 2.49
CA VAL A 261 -31.43 -26.20 1.68
C VAL A 261 -32.74 -25.42 1.87
N LEU A 262 -33.87 -26.10 1.81
CA LEU A 262 -35.17 -25.45 1.98
C LEU A 262 -35.38 -24.91 3.40
N ASP A 263 -34.84 -25.66 4.38
CA ASP A 263 -34.96 -25.28 5.79
C ASP A 263 -34.06 -24.06 6.07
N PHE A 264 -32.85 -24.09 5.50
CA PHE A 264 -31.91 -22.95 5.53
C PHE A 264 -32.56 -21.68 4.97
N LEU A 265 -33.28 -21.82 3.87
CA LEU A 265 -33.89 -20.67 3.20
C LEU A 265 -35.05 -20.19 4.04
N HIS A 266 -35.86 -21.11 4.55
CA HIS A 266 -36.96 -20.75 5.44
C HIS A 266 -36.43 -20.02 6.68
N PHE A 267 -35.42 -20.61 7.34
CA PHE A 267 -34.82 -20.02 8.53
C PHE A 267 -34.42 -18.53 8.37
N PHE A 268 -33.72 -18.25 7.28
CA PHE A 268 -33.22 -16.89 6.98
C PHE A 268 -34.22 -15.94 6.35
N LEU A 269 -35.37 -16.45 5.93
CA LEU A 269 -36.55 -15.62 5.58
C LEU A 269 -37.50 -15.39 6.74
N HIS A 270 -37.80 -16.44 7.52
CA HIS A 270 -38.88 -16.38 8.52
C HIS A 270 -38.50 -16.60 9.97
N GLU A 271 -37.24 -16.90 10.26
CA GLU A 271 -36.90 -17.21 11.65
C GLU A 271 -35.85 -16.28 12.22
N PHE A 272 -34.80 -16.06 11.45
CA PHE A 272 -33.77 -15.12 11.83
C PHE A 272 -34.33 -13.71 11.71
N ASP A 273 -34.22 -12.95 12.78
CA ASP A 273 -34.76 -11.60 12.78
C ASP A 273 -33.64 -10.64 12.52
N SER A 274 -33.48 -10.24 11.26
CA SER A 274 -32.37 -9.39 10.88
C SER A 274 -32.44 -8.04 11.54
N ASP A 275 -33.62 -7.64 12.01
CA ASP A 275 -33.71 -6.33 12.69
C ASP A 275 -33.19 -6.36 14.11
N LYS A 276 -33.18 -7.54 14.74
CA LYS A 276 -32.85 -7.60 16.16
C LYS A 276 -31.65 -8.46 16.49
N GLN A 277 -31.25 -9.32 15.57
CA GLN A 277 -30.33 -10.43 15.84
C GLN A 277 -29.07 -10.38 14.97
N VAL A 278 -27.99 -11.03 15.47
CA VAL A 278 -26.70 -11.10 14.79
C VAL A 278 -26.41 -12.56 14.53
N ILE A 279 -26.07 -12.88 13.29
CA ILE A 279 -25.48 -14.17 12.96
C ILE A 279 -24.09 -14.25 13.63
N SER A 280 -23.92 -15.14 14.59
CA SER A 280 -22.70 -15.13 15.38
C SER A 280 -22.25 -16.55 15.72
N LEU A 281 -20.93 -16.79 15.71
CA LEU A 281 -20.39 -18.08 16.23
C LEU A 281 -19.64 -17.86 17.55
N ASN A 282 -19.82 -16.69 18.18
CA ASN A 282 -19.06 -16.37 19.39
C ASN A 282 -19.68 -16.95 20.65
N ARG A 283 -20.94 -17.37 20.56
CA ARG A 283 -21.72 -17.91 21.67
C ARG A 283 -22.80 -18.79 21.06
N PRO A 284 -23.30 -19.82 21.80
CA PRO A 284 -24.43 -20.59 21.22
C PRO A 284 -25.73 -19.83 21.49
N GLY A 285 -26.79 -20.11 20.75
CA GLY A 285 -27.99 -19.26 20.87
C GLY A 285 -27.96 -17.90 20.17
N ILE A 286 -28.69 -16.94 20.75
CA ILE A 286 -28.99 -15.65 20.14
C ILE A 286 -28.01 -14.60 20.62
N THR A 287 -27.47 -13.84 19.67
CA THR A 287 -26.76 -12.60 19.93
C THR A 287 -27.64 -11.45 19.39
N THR A 288 -27.83 -10.41 20.21
CA THR A 288 -28.69 -9.29 19.77
C THR A 288 -27.82 -8.16 19.28
N LYS A 289 -28.40 -7.34 18.41
CA LYS A 289 -27.73 -6.14 17.93
C LYS A 289 -27.50 -5.16 19.08
N GLU A 290 -28.46 -5.09 20.01
CA GLU A 290 -28.36 -4.23 21.21
C GLU A 290 -27.12 -4.54 22.08
N GLU A 291 -26.81 -5.81 22.31
CA GLU A 291 -25.64 -6.09 23.19
C GLU A 291 -24.29 -5.71 22.54
N LEU A 292 -24.22 -5.71 21.20
CA LEU A 292 -23.02 -5.31 20.48
C LEU A 292 -22.95 -3.82 20.23
N ASP A 293 -24.08 -3.12 20.47
CA ASP A 293 -24.27 -1.73 20.01
C ASP A 293 -24.17 -1.64 18.49
N TRP A 294 -24.78 -2.60 17.81
CA TRP A 294 -24.82 -2.59 16.34
C TRP A 294 -26.14 -1.97 15.89
N THR A 295 -26.27 -0.67 16.16
CA THR A 295 -27.57 -0.02 16.02
C THR A 295 -27.48 1.13 15.02
N LYS A 296 -28.59 1.78 14.77
CA LYS A 296 -28.59 2.99 13.93
C LYS A 296 -27.67 4.12 14.46
N SER A 297 -27.69 4.37 15.75
CA SER A 297 -26.68 5.28 16.33
C SER A 297 -25.21 4.90 16.09
N ALA A 298 -24.90 3.61 16.03
CA ALA A 298 -23.54 3.21 15.74
C ALA A 298 -23.11 3.47 14.30
N GLU A 299 -24.03 3.31 13.32
CA GLU A 299 -23.76 3.61 11.88
C GLU A 299 -23.33 5.05 11.66
N ASP A 300 -24.01 5.99 12.31
CA ASP A 300 -23.61 7.40 12.25
C ASP A 300 -22.12 7.52 12.66
N PHE A 301 -21.71 6.83 13.71
CA PHE A 301 -20.35 6.96 14.24
C PHE A 301 -19.34 6.07 13.49
N ALA A 302 -19.83 4.97 12.91
CA ALA A 302 -19.01 3.84 12.45
C ALA A 302 -18.54 3.87 11.01
N ARG A 303 -17.22 3.97 10.84
CA ARG A 303 -16.56 3.85 9.54
C ARG A 303 -15.56 2.70 9.54
N MET A 304 -15.29 2.19 8.34
CA MET A 304 -14.41 1.03 8.13
C MET A 304 -13.93 1.06 6.67
N ASN A 305 -12.63 0.85 6.50
CA ASN A 305 -12.01 0.86 5.17
C ASN A 305 -12.04 2.29 4.57
N GLY A 306 -12.61 3.23 5.35
CA GLY A 306 -12.85 4.61 4.90
C GLY A 306 -14.24 4.84 4.32
N GLU A 307 -15.15 3.88 4.56
CA GLU A 307 -16.57 3.98 4.14
C GLU A 307 -17.59 3.49 5.23
N LYS A 308 -18.87 3.67 4.93
CA LYS A 308 -19.91 3.46 5.96
C LYS A 308 -19.98 1.96 6.29
N VAL A 309 -20.22 1.65 7.54
CA VAL A 309 -20.58 0.30 7.86
C VAL A 309 -22.09 0.34 8.03
N HIS A 310 -22.74 -0.70 7.59
CA HIS A 310 -24.17 -0.85 7.79
C HIS A 310 -24.39 -1.93 8.82
N TYR A 311 -25.49 -1.85 9.56
CA TYR A 311 -25.87 -2.88 10.50
C TYR A 311 -27.24 -3.44 10.19
N GLN A 312 -27.54 -3.61 8.90
CA GLN A 312 -28.85 -4.12 8.45
C GLN A 312 -28.88 -5.65 8.48
N TRP A 313 -27.77 -6.28 8.06
CA TRP A 313 -27.65 -7.76 8.08
C TRP A 313 -26.38 -7.93 8.89
N CYS A 314 -26.50 -8.46 10.10
CA CYS A 314 -25.34 -8.48 11.01
C CYS A 314 -24.77 -9.87 11.13
N ILE A 315 -23.46 -9.97 10.88
CA ILE A 315 -22.67 -11.24 10.93
C ILE A 315 -21.44 -10.86 11.71
N GLU A 316 -21.35 -11.33 12.94
CA GLU A 316 -20.21 -11.04 13.77
C GLU A 316 -19.01 -11.88 13.35
N ASP A 317 -17.88 -11.24 13.14
CA ASP A 317 -16.64 -12.00 12.93
C ASP A 317 -16.22 -12.59 14.27
N PRO A 318 -15.86 -13.88 14.29
CA PRO A 318 -15.52 -14.51 15.58
C PRO A 318 -14.21 -14.11 16.23
N TYR A 319 -13.30 -13.52 15.46
CA TYR A 319 -11.98 -13.13 15.95
C TYR A 319 -11.67 -11.62 15.93
N GLU A 320 -11.97 -10.92 14.83
CA GLU A 320 -11.65 -9.49 14.73
C GLU A 320 -12.59 -8.73 15.62
N LEU A 321 -12.08 -7.65 16.19
CA LEU A 321 -12.82 -6.83 17.14
C LEU A 321 -13.84 -5.93 16.41
N ASN A 322 -15.12 -6.02 16.82
CA ASN A 322 -16.17 -5.15 16.32
C ASN A 322 -16.39 -5.14 14.79
N LEU A 323 -16.24 -6.30 14.14
CA LEU A 323 -16.26 -6.36 12.69
C LEU A 323 -17.54 -6.99 12.22
N ASN A 324 -18.34 -6.24 11.46
CA ASN A 324 -19.54 -6.85 10.91
C ASN A 324 -19.18 -7.37 9.52
N VAL A 325 -19.28 -8.68 9.33
CA VAL A 325 -19.01 -9.30 8.02
C VAL A 325 -20.03 -8.86 6.98
N GLY A 326 -21.24 -8.49 7.48
CA GLY A 326 -22.30 -7.93 6.63
C GLY A 326 -22.34 -6.41 6.58
N ARG A 327 -21.20 -5.78 6.82
CA ARG A 327 -21.09 -4.34 6.88
C ARG A 327 -21.47 -3.61 5.57
N ASN A 328 -21.46 -4.33 4.44
CA ASN A 328 -21.74 -3.74 3.12
C ASN A 328 -23.16 -3.95 2.65
N VAL A 329 -23.94 -4.67 3.47
CA VAL A 329 -25.33 -4.92 3.18
C VAL A 329 -26.19 -3.68 3.57
N THR A 330 -26.39 -2.84 2.56
CA THR A 330 -27.25 -1.65 2.63
C THR A 330 -28.67 -2.16 2.65
N PRO A 331 -29.63 -1.27 2.98
CA PRO A 331 -31.04 -1.69 2.92
C PRO A 331 -31.43 -2.27 1.56
N LEU A 332 -30.89 -1.73 0.48
CA LEU A 332 -31.13 -2.25 -0.86
C LEU A 332 -30.63 -3.69 -1.03
N LYS A 333 -29.38 -3.91 -0.65
CA LYS A 333 -28.80 -5.23 -0.71
C LYS A 333 -29.52 -6.24 0.20
N ARG A 334 -30.03 -5.77 1.33
CA ARG A 334 -30.85 -6.57 2.21
C ARG A 334 -32.17 -6.97 1.58
N ASP A 335 -32.80 -6.02 0.87
CA ASP A 335 -33.91 -6.29 -0.08
C ASP A 335 -33.56 -7.39 -1.14
N PHE A 336 -32.46 -7.17 -1.86
CA PHE A 336 -31.98 -8.11 -2.90
C PHE A 336 -31.81 -9.52 -2.33
N LEU A 337 -31.23 -9.60 -1.11
CA LEU A 337 -30.96 -10.87 -0.43
C LEU A 337 -32.25 -11.64 -0.14
N ARG A 338 -33.21 -10.97 0.48
CA ARG A 338 -34.49 -11.58 0.82
C ARG A 338 -35.22 -12.12 -0.41
N ARG A 339 -35.18 -11.33 -1.48
CA ARG A 339 -35.82 -11.66 -2.74
C ARG A 339 -35.20 -12.91 -3.34
N HIS A 340 -33.87 -12.95 -3.41
CA HIS A 340 -33.17 -14.14 -3.86
C HIS A 340 -33.37 -15.36 -2.95
N LEU A 341 -33.46 -15.14 -1.64
CA LEU A 341 -33.79 -16.22 -0.71
C LEU A 341 -35.17 -16.82 -1.01
N GLU A 342 -36.16 -15.94 -1.22
CA GLU A 342 -37.51 -16.32 -1.64
C GLU A 342 -37.49 -17.11 -2.96
N LYS A 343 -36.81 -16.56 -3.96
CA LYS A 343 -36.73 -17.14 -5.30
C LYS A 343 -36.00 -18.50 -5.35
N ALA A 344 -35.00 -18.68 -4.49
CA ALA A 344 -34.18 -19.91 -4.42
C ALA A 344 -34.98 -21.18 -4.07
N ARG A 345 -36.06 -21.02 -3.31
CA ARG A 345 -36.98 -22.10 -2.97
C ARG A 345 -37.61 -22.76 -4.20
N ASP A 346 -38.05 -21.95 -5.15
CA ASP A 346 -38.80 -22.44 -6.30
C ASP A 346 -37.87 -23.05 -7.34
N THR A 347 -36.64 -22.53 -7.43
CA THR A 347 -35.64 -22.92 -8.45
C THR A 347 -34.55 -23.89 -7.97
N ALA A 348 -34.69 -24.39 -6.74
CA ALA A 348 -33.66 -25.18 -6.06
C ALA A 348 -32.26 -24.57 -6.20
N LEU A 349 -32.10 -23.33 -5.77
CA LEU A 349 -30.81 -22.62 -5.87
C LEU A 349 -30.31 -22.50 -7.32
N LEU A 350 -31.17 -21.98 -8.20
CA LEU A 350 -30.87 -21.83 -9.65
C LEU A 350 -30.51 -23.12 -10.38
N THR A 351 -31.02 -24.27 -9.94
CA THR A 351 -30.67 -25.54 -10.60
C THR A 351 -31.81 -26.13 -11.45
N ILE A 352 -33.03 -25.69 -11.18
CA ILE A 352 -34.19 -26.02 -12.02
C ILE A 352 -34.32 -24.98 -13.13
N VAL A 353 -34.12 -25.47 -14.36
CA VAL A 353 -34.04 -24.67 -15.59
C VAL A 353 -35.41 -24.08 -16.03
N PRO B 23 32.59 -0.20 -21.74
CA PRO B 23 32.00 0.71 -20.75
C PRO B 23 31.75 0.02 -19.41
N SER B 24 32.80 -0.57 -18.83
CA SER B 24 32.68 -1.46 -17.67
C SER B 24 32.40 -0.72 -16.37
N PRO B 25 31.67 -1.36 -15.42
CA PRO B 25 31.40 -0.72 -14.13
C PRO B 25 32.63 -0.10 -13.43
N ALA B 26 33.75 -0.82 -13.39
CA ALA B 26 35.00 -0.31 -12.77
C ALA B 26 35.54 0.95 -13.46
N VAL B 27 35.46 0.95 -14.78
CA VAL B 27 35.93 2.01 -15.64
C VAL B 27 35.03 3.25 -15.53
N VAL B 28 33.71 3.03 -15.49
CA VAL B 28 32.74 4.09 -15.21
C VAL B 28 32.98 4.71 -13.83
N GLY B 29 33.17 3.86 -12.82
CA GLY B 29 33.42 4.29 -11.45
C GLY B 29 34.71 5.07 -11.23
N ARG B 30 35.80 4.59 -11.85
CA ARG B 30 37.05 5.33 -11.80
C ARG B 30 36.87 6.76 -12.32
N SER B 31 36.16 6.90 -13.43
CA SER B 31 35.92 8.21 -14.05
C SER B 31 35.19 9.19 -13.12
N LEU B 32 34.07 8.74 -12.58
CA LEU B 32 33.27 9.54 -11.63
C LEU B 32 34.05 9.91 -10.36
N VAL B 33 34.74 8.95 -9.74
CA VAL B 33 35.60 9.30 -8.60
C VAL B 33 36.52 10.49 -8.97
N ASN B 34 37.22 10.36 -10.11
CA ASN B 34 38.12 11.40 -10.62
C ASN B 34 37.45 12.70 -11.00
N SER B 35 36.23 12.60 -11.54
CA SER B 35 35.48 13.79 -11.97
C SER B 35 35.06 14.64 -10.78
N PHE B 36 35.18 14.06 -9.59
CA PHE B 36 34.81 14.73 -8.35
C PHE B 36 36.00 15.28 -7.55
N LYS B 37 37.22 15.15 -8.09
CA LYS B 37 38.45 15.60 -7.39
C LYS B 37 38.41 16.99 -6.77
N GLN B 38 37.95 17.98 -7.52
CA GLN B 38 37.85 19.36 -7.03
C GLN B 38 36.75 19.52 -5.94
N PHE B 39 35.83 18.57 -5.89
CA PHE B 39 34.75 18.59 -4.90
C PHE B 39 35.11 17.75 -3.66
N VAL B 40 35.70 16.57 -3.88
CA VAL B 40 36.24 15.73 -2.79
C VAL B 40 37.13 16.59 -1.90
N SER B 41 38.08 17.28 -2.55
CA SER B 41 39.00 18.23 -1.93
C SER B 41 38.37 19.18 -0.92
N LYS B 42 37.16 19.63 -1.22
CA LYS B 42 36.51 20.71 -0.47
C LYS B 42 35.96 20.31 0.88
N ASP B 43 35.80 21.30 1.76
CA ASP B 43 35.15 21.12 3.06
C ASP B 43 33.64 21.31 2.93
N LEU B 44 32.89 20.26 3.29
CA LEU B 44 31.44 20.22 3.12
C LEU B 44 30.65 20.53 4.40
N HIS B 45 31.30 21.12 5.39
CA HIS B 45 30.67 21.37 6.69
C HIS B 45 29.56 22.42 6.65
N THR B 46 28.64 22.30 7.61
CA THR B 46 27.41 23.11 7.67
C THR B 46 27.51 24.27 8.66
N ARG B 47 28.68 24.44 9.26
CA ARG B 47 28.93 25.52 10.24
C ARG B 47 28.49 26.92 9.76
N HIS B 48 28.70 27.20 8.47
CA HIS B 48 28.28 28.47 7.85
C HIS B 48 26.77 28.60 7.72
N VAL B 49 26.10 27.51 7.34
CA VAL B 49 24.64 27.46 7.26
C VAL B 49 24.03 27.66 8.66
N ASP B 50 24.63 27.03 9.66
CA ASP B 50 24.20 27.14 11.08
C ASP B 50 24.33 28.56 11.65
N ALA B 51 25.42 29.24 11.28
CA ALA B 51 25.65 30.63 11.66
C ALA B 51 24.60 31.54 11.03
N THR B 52 24.28 31.30 9.76
CA THR B 52 23.24 32.05 9.05
C THR B 52 21.87 31.78 9.68
N TYR B 53 21.62 30.52 10.04
CA TYR B 53 20.39 30.11 10.71
C TYR B 53 20.14 30.86 12.04
N ARG B 54 21.19 31.02 12.82
CA ARG B 54 21.13 31.75 14.10
C ARG B 54 20.93 33.25 13.88
N LEU B 55 21.59 33.80 12.86
CA LEU B 55 21.41 35.19 12.40
C LEU B 55 20.03 35.48 11.78
N VAL B 56 19.41 34.48 11.18
CA VAL B 56 18.07 34.63 10.62
C VAL B 56 17.00 34.35 11.69
N LEU B 57 17.40 33.60 12.72
CA LEU B 57 16.55 33.29 13.86
C LEU B 57 16.19 34.52 14.72
N ASP B 58 17.15 35.46 14.82
CA ASP B 58 16.96 36.72 15.56
C ASP B 58 15.93 37.63 14.91
N CYS B 59 15.96 37.69 13.58
CA CYS B 59 15.01 38.50 12.80
C CYS B 59 13.57 37.99 12.88
N VAL B 60 13.41 36.67 12.95
CA VAL B 60 12.11 36.00 13.12
C VAL B 60 11.59 36.20 14.54
N ALA B 61 12.47 35.97 15.52
CA ALA B 61 12.13 36.14 16.93
C ALA B 61 11.76 37.59 17.26
N ALA B 62 12.12 38.50 16.35
CA ALA B 62 11.71 39.89 16.44
C ALA B 62 10.28 40.07 15.95
N VAL B 63 9.88 39.22 15.00
CA VAL B 63 8.50 39.18 14.51
C VAL B 63 7.67 38.08 15.22
N ASP B 64 8.22 37.52 16.30
CA ASP B 64 7.53 36.62 17.26
C ASP B 64 8.52 35.97 18.22
N ARG B 68 8.60 30.28 14.05
CA ARG B 68 9.72 29.35 14.22
C ARG B 68 10.41 29.03 12.89
N LEU B 69 11.64 28.54 12.95
CA LEU B 69 12.49 28.51 11.76
C LEU B 69 13.07 27.11 11.42
N TYR B 70 13.04 26.77 10.12
CA TYR B 70 13.47 25.45 9.62
C TYR B 70 14.31 25.58 8.35
N THR B 71 15.39 24.79 8.31
CA THR B 71 16.21 24.63 7.11
C THR B 71 15.68 23.44 6.31
N PHE B 72 15.75 23.54 4.99
CA PHE B 72 15.35 22.45 4.13
C PHE B 72 16.15 22.52 2.83
N GLY B 73 15.85 21.60 1.91
CA GLY B 73 16.55 21.52 0.64
C GLY B 73 17.81 20.68 0.77
N SER B 74 18.67 20.81 -0.25
CA SER B 74 19.88 20.01 -0.45
C SER B 74 20.83 19.82 0.76
N THR B 75 20.95 20.84 1.60
CA THR B 75 21.87 20.78 2.77
C THR B 75 21.34 19.78 3.80
N VAL B 76 20.03 19.78 3.96
CA VAL B 76 19.36 18.88 4.88
C VAL B 76 19.43 17.43 4.35
N VAL B 77 19.09 17.27 3.07
CA VAL B 77 19.08 15.97 2.39
C VAL B 77 20.44 15.26 2.48
N TYR B 78 21.52 16.01 2.26
CA TYR B 78 22.85 15.38 2.19
C TYR B 78 23.68 15.44 3.46
N GLY B 79 23.39 16.41 4.33
CA GLY B 79 24.23 16.68 5.48
C GLY B 79 25.48 17.46 5.12
N VAL B 80 25.58 17.87 3.86
CA VAL B 80 26.73 18.61 3.33
C VAL B 80 26.29 19.95 2.73
N HIS B 81 27.12 20.98 2.89
CA HIS B 81 26.93 22.25 2.20
C HIS B 81 28.13 22.59 1.31
N GLU B 82 27.86 22.77 0.02
CA GLU B 82 28.81 23.32 -0.95
C GLU B 82 28.88 24.86 -0.80
N LYS B 83 30.11 25.38 -0.64
CA LYS B 83 30.40 26.81 -0.37
C LYS B 83 29.58 27.86 -1.13
N GLY B 84 29.35 27.65 -2.42
CA GLY B 84 28.70 28.67 -3.25
C GLY B 84 27.18 28.61 -3.33
N SER B 85 26.63 27.39 -3.23
CA SER B 85 25.18 27.15 -3.38
C SER B 85 24.31 27.77 -2.28
N ASP B 86 23.03 27.88 -2.57
CA ASP B 86 22.07 28.47 -1.64
C ASP B 86 21.53 27.50 -0.58
N VAL B 87 21.06 28.10 0.51
CA VAL B 87 20.32 27.41 1.56
C VAL B 87 18.84 27.83 1.46
N ASP B 88 17.94 26.91 1.78
CA ASP B 88 16.51 27.21 1.88
C ASP B 88 16.10 27.23 3.34
N PHE B 89 15.45 28.32 3.76
CA PHE B 89 14.80 28.36 5.05
C PHE B 89 13.30 28.50 4.84
N VAL B 90 12.52 28.21 5.89
CA VAL B 90 11.08 28.46 5.91
C VAL B 90 10.66 28.92 7.30
N VAL B 91 9.80 29.92 7.37
CA VAL B 91 9.22 30.33 8.66
C VAL B 91 7.85 29.66 8.83
N LEU B 92 7.60 29.15 10.04
CA LEU B 92 6.38 28.39 10.34
C LEU B 92 5.76 28.82 11.66
N ASN B 93 4.42 28.87 11.72
CA ASN B 93 3.70 29.05 13.00
C ASN B 93 4.13 27.98 14.00
N LYS B 94 4.14 28.31 15.29
CA LYS B 94 4.44 27.31 16.31
C LYS B 94 3.28 26.33 16.49
N THR B 95 2.17 26.62 15.81
CA THR B 95 1.05 25.68 15.65
C THR B 95 1.13 24.92 14.32
N ASP B 96 1.86 25.48 13.35
CA ASP B 96 2.24 24.76 12.13
C ASP B 96 3.15 23.57 12.46
N VAL B 97 4.12 23.83 13.34
CA VAL B 97 4.98 22.80 13.93
C VAL B 97 4.12 21.79 14.70
N GLU B 98 3.10 22.29 15.40
CA GLU B 98 2.19 21.44 16.18
C GLU B 98 1.23 20.61 15.32
N ASP B 99 0.79 21.21 14.20
CA ASP B 99 0.09 20.49 13.13
C ASP B 99 0.91 19.26 12.70
N GLY B 100 2.23 19.46 12.58
CA GLY B 100 3.23 18.38 12.44
C GLY B 100 3.15 17.57 11.17
N LYS B 101 2.08 16.79 11.05
CA LYS B 101 1.84 15.92 9.91
C LYS B 101 0.78 16.49 8.94
N GLY B 102 0.35 17.73 9.18
CA GLY B 102 -0.69 18.36 8.34
C GLY B 102 -0.19 18.86 6.99
N GLY B 103 -1.03 18.69 5.97
CA GLY B 103 -0.71 19.15 4.61
C GLY B 103 -0.69 20.67 4.49
N ASP B 104 -0.14 21.17 3.38
CA ASP B 104 -0.06 22.62 3.17
C ASP B 104 -1.28 23.18 2.46
N ALA B 105 -1.82 24.27 3.00
CA ALA B 105 -2.92 25.02 2.36
C ALA B 105 -2.43 25.67 1.06
N ALA B 106 -3.22 25.49 0.00
CA ALA B 106 -2.90 26.04 -1.32
C ALA B 106 -3.77 27.25 -1.69
N THR B 107 -4.58 27.70 -0.72
CA THR B 107 -5.64 28.70 -0.92
C THR B 107 -5.12 30.08 -1.35
N GLN B 108 -6.06 30.94 -1.76
CA GLN B 108 -5.82 32.36 -2.01
C GLN B 108 -5.55 33.11 -0.70
N VAL B 109 -6.22 32.69 0.39
CA VAL B 109 -6.01 33.28 1.72
C VAL B 109 -4.60 33.00 2.27
N ALA B 110 -4.12 31.78 2.08
CA ALA B 110 -2.80 31.36 2.56
C ALA B 110 -1.66 31.92 1.73
N LYS B 111 -1.83 31.96 0.41
CA LYS B 111 -0.78 32.43 -0.52
C LYS B 111 -0.51 33.93 -0.39
N GLY B 112 -1.54 34.67 -0.01
CA GLY B 112 -1.42 36.11 0.24
C GLY B 112 -0.87 36.38 1.62
N LEU B 113 -1.25 35.55 2.60
CA LEU B 113 -0.83 35.71 4.00
C LEU B 113 0.64 35.35 4.21
N GLN B 114 1.19 34.58 3.28
CA GLN B 114 2.63 34.29 3.26
C GLN B 114 3.40 35.56 2.94
N ALA B 115 2.98 36.25 1.88
CA ALA B 115 3.57 37.51 1.46
C ALA B 115 3.45 38.63 2.53
N ASP B 116 2.63 38.39 3.55
CA ASP B 116 2.44 39.33 4.66
C ASP B 116 3.54 39.23 5.72
N ILE B 117 3.87 38.00 6.12
CA ILE B 117 4.92 37.74 7.10
C ILE B 117 6.31 37.74 6.42
N LEU B 118 6.32 37.73 5.08
CA LEU B 118 7.55 37.91 4.31
C LEU B 118 7.77 39.38 3.99
N ALA B 119 7.11 40.24 4.74
CA ALA B 119 7.27 41.69 4.65
C ALA B 119 7.66 42.27 6.00
N LYS B 120 6.99 41.83 7.07
CA LYS B 120 7.33 42.23 8.44
C LYS B 120 8.64 41.56 8.90
N LEU B 121 9.01 40.48 8.23
CA LEU B 121 10.27 39.79 8.46
C LEU B 121 11.35 40.31 7.50
N ALA B 122 10.95 40.63 6.27
CA ALA B 122 11.85 41.29 5.32
C ALA B 122 12.29 42.67 5.84
N ARG B 123 11.41 43.32 6.60
CA ARG B 123 11.72 44.59 7.29
C ARG B 123 12.82 44.38 8.31
N VAL B 124 12.63 43.43 9.22
CA VAL B 124 13.55 43.19 10.34
C VAL B 124 14.94 42.70 9.91
N ILE B 125 15.03 41.99 8.78
CA ILE B 125 16.33 41.58 8.24
C ILE B 125 17.04 42.76 7.57
N ARG B 126 16.25 43.62 6.93
CA ARG B 126 16.75 44.81 6.23
C ARG B 126 17.36 45.84 7.17
N GLN B 127 16.79 45.92 8.38
CA GLN B 127 17.18 46.92 9.36
C GLN B 127 18.37 46.48 10.22
N LYS B 128 18.34 45.21 10.66
CA LYS B 128 19.39 44.64 11.51
C LYS B 128 20.66 44.29 10.72
N HIS B 129 20.49 44.10 9.41
CA HIS B 129 21.60 43.73 8.54
C HIS B 129 21.62 44.62 7.30
N LEU B 130 22.24 45.79 7.44
CA LEU B 130 22.18 46.86 6.44
C LEU B 130 23.15 46.69 5.26
N SER B 131 24.18 45.87 5.45
CA SER B 131 25.14 45.56 4.38
C SER B 131 24.74 44.28 3.62
N TRP B 132 23.43 44.05 3.53
CA TRP B 132 22.85 42.84 2.92
C TRP B 132 21.91 43.20 1.77
N ASN B 133 22.04 42.45 0.66
CA ASN B 133 21.12 42.58 -0.48
C ASN B 133 19.90 41.68 -0.23
N VAL B 134 18.78 42.30 0.16
CA VAL B 134 17.58 41.55 0.59
C VAL B 134 16.34 41.81 -0.30
N GLU B 135 16.21 40.97 -1.33
CA GLU B 135 15.15 41.07 -2.34
C GLU B 135 13.83 40.49 -1.83
N GLU B 136 12.72 41.06 -2.30
CA GLU B 136 11.38 40.64 -1.91
C GLU B 136 10.56 40.42 -3.20
N VAL B 137 10.76 39.26 -3.82
CA VAL B 137 10.20 38.94 -5.16
C VAL B 137 8.68 39.01 -5.19
N PRO B 143 6.25 32.56 -3.45
CA PRO B 143 6.29 33.65 -2.47
C PRO B 143 7.52 33.55 -1.53
N VAL B 144 8.54 34.35 -1.83
CA VAL B 144 9.91 34.14 -1.32
C VAL B 144 10.73 35.44 -1.20
N VAL B 145 11.56 35.54 -0.15
CA VAL B 145 12.51 36.64 0.00
C VAL B 145 13.93 36.11 -0.21
N ARG B 146 14.61 36.60 -1.25
CA ARG B 146 15.97 36.15 -1.62
C ARG B 146 17.05 37.06 -1.06
N VAL B 147 17.87 36.53 -0.15
CA VAL B 147 18.83 37.33 0.61
C VAL B 147 20.29 36.98 0.31
N LYS B 148 21.12 38.02 0.17
CA LYS B 148 22.58 37.89 0.01
C LYS B 148 23.30 38.94 0.87
N GLY B 149 24.43 38.55 1.46
CA GLY B 149 25.21 39.47 2.29
C GLY B 149 26.55 38.91 2.74
N GLY B 150 27.27 39.70 3.54
CA GLY B 150 28.51 39.23 4.16
C GLY B 150 28.25 38.71 5.55
N GLY B 151 28.77 37.53 5.86
CA GLY B 151 28.51 36.88 7.15
C GLY B 151 27.35 35.90 7.10
N ALA B 152 26.74 35.80 5.92
CA ALA B 152 25.63 34.86 5.66
C ALA B 152 25.88 34.03 4.38
N VAL B 153 25.34 32.80 4.35
CA VAL B 153 25.29 32.02 3.12
C VAL B 153 24.07 32.47 2.30
N ASP B 154 24.23 32.62 0.99
CA ASP B 154 23.13 33.07 0.13
C ASP B 154 21.91 32.18 0.37
N PHE B 155 20.77 32.81 0.70
CA PHE B 155 19.58 32.03 1.05
C PHE B 155 18.25 32.58 0.56
N ASP B 156 17.24 31.71 0.55
CA ASP B 156 15.86 32.08 0.29
C ASP B 156 15.01 31.75 1.51
N ILE B 157 14.28 32.73 2.02
CA ILE B 157 13.30 32.45 3.07
C ILE B 157 11.92 32.42 2.44
N THR B 158 11.08 31.53 2.96
CA THR B 158 9.74 31.30 2.47
C THR B 158 8.89 31.05 3.70
N ALA B 159 7.56 31.09 3.57
CA ALA B 159 6.69 31.10 4.73
C ALA B 159 5.65 30.00 4.77
N TYR B 160 5.39 29.48 5.97
CA TYR B 160 4.19 28.69 6.26
C TYR B 160 3.96 27.45 5.38
N ARG B 161 5.04 26.74 5.06
CA ARG B 161 4.95 25.52 4.28
C ARG B 161 5.80 24.43 4.96
N ARG B 162 5.15 23.30 5.28
CA ARG B 162 5.79 22.19 5.98
C ARG B 162 6.42 21.15 5.04
N ASN B 163 5.91 21.11 3.81
CA ASN B 163 6.26 20.04 2.88
C ASN B 163 7.74 19.95 2.52
N GLY B 164 8.38 21.10 2.35
CA GLY B 164 9.77 21.16 1.93
C GLY B 164 10.66 20.61 3.02
N VAL B 165 10.32 20.91 4.27
CA VAL B 165 11.08 20.42 5.42
C VAL B 165 10.72 18.96 5.68
N ARG B 166 9.51 18.59 5.27
CA ARG B 166 9.09 17.22 5.45
C ARG B 166 9.73 16.30 4.40
N ASN B 167 9.71 16.70 3.14
CA ASN B 167 10.38 15.86 2.14
C ASN B 167 11.89 15.90 2.19
N SER B 168 12.45 16.97 2.77
CA SER B 168 13.89 17.02 3.03
C SER B 168 14.30 16.08 4.12
N ALA B 169 13.48 16.01 5.16
CA ALA B 169 13.76 15.10 6.27
C ALA B 169 13.57 13.65 5.83
N LEU B 170 12.67 13.44 4.89
CA LEU B 170 12.43 12.07 4.39
C LEU B 170 13.63 11.60 3.61
N LEU B 171 14.06 12.35 2.60
CA LEU B 171 15.22 11.96 1.80
C LEU B 171 16.47 11.85 2.64
N ARG B 172 16.66 12.79 3.59
CA ARG B 172 17.76 12.66 4.56
C ARG B 172 17.75 11.35 5.33
N ALA B 173 16.58 10.93 5.82
CA ALA B 173 16.43 9.63 6.48
C ALA B 173 16.93 8.46 5.61
N TYR B 174 16.48 8.43 4.34
CA TYR B 174 16.97 7.43 3.38
C TYR B 174 18.48 7.42 3.20
N PHE B 175 19.10 8.57 2.94
CA PHE B 175 20.57 8.63 2.82
C PHE B 175 21.27 8.35 4.15
N GLU B 176 20.64 8.68 5.26
CA GLU B 176 21.13 8.23 6.56
C GLU B 176 21.33 6.70 6.61
N GLN B 177 20.44 5.94 5.96
CA GLN B 177 20.54 4.46 5.99
C GLN B 177 21.73 3.93 5.22
N ASN B 178 22.21 4.70 4.24
CA ASN B 178 23.29 4.25 3.35
C ASN B 178 23.99 5.50 2.82
N PRO B 179 24.78 6.19 3.69
CA PRO B 179 25.41 7.45 3.34
C PRO B 179 26.19 7.45 2.00
N PRO B 180 26.88 6.33 1.64
CA PRO B 180 27.61 6.31 0.33
C PRO B 180 26.69 6.46 -0.89
N CYS B 181 25.41 6.08 -0.74
CA CYS B 181 24.42 6.25 -1.83
C CYS B 181 24.23 7.71 -2.24
N ARG B 182 24.71 8.64 -1.43
CA ARG B 182 24.62 10.06 -1.78
C ARG B 182 25.43 10.38 -3.05
N TRP B 183 26.40 9.53 -3.36
CA TRP B 183 27.23 9.68 -4.54
C TRP B 183 26.47 9.41 -5.84
N LEU B 184 25.57 8.41 -5.83
CA LEU B 184 24.70 8.13 -6.97
C LEU B 184 23.82 9.34 -7.22
N SER B 185 23.19 9.79 -6.15
CA SER B 185 22.37 10.99 -6.17
C SER B 185 23.09 12.20 -6.76
N MET B 186 24.26 12.54 -6.23
CA MET B 186 25.00 13.70 -6.70
C MET B 186 25.49 13.51 -8.15
N SER B 187 25.78 12.27 -8.52
CA SER B 187 26.22 12.00 -9.90
C SER B 187 25.08 12.24 -10.89
N ILE B 188 23.88 11.81 -10.52
CA ILE B 188 22.71 11.96 -11.38
C ILE B 188 22.36 13.42 -11.46
N LYS B 189 22.36 14.11 -10.33
CA LYS B 189 22.00 15.53 -10.28
C LYS B 189 22.94 16.41 -11.14
N ARG B 190 24.23 16.15 -11.08
CA ARG B 190 25.18 16.91 -11.87
C ARG B 190 25.00 16.63 -13.38
N TRP B 191 24.86 15.35 -13.73
CA TRP B 191 24.52 14.92 -15.08
C TRP B 191 23.22 15.53 -15.60
N SER B 192 22.18 15.53 -14.77
CA SER B 192 20.87 16.04 -15.14
C SER B 192 20.95 17.52 -15.57
N LYS B 193 21.82 18.27 -14.92
CA LYS B 193 22.01 19.67 -15.27
C LYS B 193 22.81 19.85 -16.57
N GLN B 194 23.87 19.05 -16.73
CA GLN B 194 24.73 19.01 -17.92
C GLN B 194 23.98 18.64 -19.19
N THR B 195 23.07 17.69 -19.07
CA THR B 195 22.23 17.28 -20.18
C THR B 195 21.08 18.25 -20.42
N GLY B 196 20.80 19.14 -19.48
CA GLY B 196 19.65 20.04 -19.63
C GLY B 196 18.28 19.47 -19.31
N LEU B 197 18.26 18.36 -18.56
CA LEU B 197 17.01 17.65 -18.21
C LEU B 197 16.43 18.29 -16.95
N ASN B 198 17.34 18.67 -16.07
CA ASN B 198 17.00 19.42 -14.86
C ASN B 198 16.24 20.70 -15.16
N ALA B 199 15.15 20.90 -14.40
CA ALA B 199 14.30 22.05 -14.50
C ALA B 199 15.07 23.40 -14.30
N SER B 200 16.12 23.40 -13.48
CA SER B 200 16.95 24.58 -13.25
C SER B 200 17.53 25.15 -14.56
N VAL B 201 17.54 24.32 -15.60
CA VAL B 201 18.01 24.66 -16.92
C VAL B 201 16.80 24.91 -17.84
N ILE B 202 16.83 26.00 -18.60
CA ILE B 202 15.77 26.32 -19.55
C ILE B 202 15.49 25.11 -20.45
N GLY B 203 14.21 24.79 -20.65
CA GLY B 203 13.84 23.58 -21.38
C GLY B 203 13.89 22.30 -20.54
N GLY B 204 14.19 22.45 -19.24
CA GLY B 204 14.33 21.31 -18.34
C GLY B 204 13.02 20.88 -17.77
N SER B 205 12.84 19.57 -17.58
CA SER B 205 11.54 19.00 -17.21
C SER B 205 11.36 18.45 -15.78
N ILE B 206 12.45 18.00 -15.15
CA ILE B 206 12.42 17.40 -13.79
C ILE B 206 13.36 18.10 -12.81
N THR B 207 12.86 18.53 -11.66
CA THR B 207 13.68 19.19 -10.65
C THR B 207 14.76 18.25 -10.10
N SER B 208 15.73 18.81 -9.37
CA SER B 208 16.72 17.99 -8.69
C SER B 208 16.02 17.01 -7.73
N TYR B 209 14.95 17.53 -7.14
CA TYR B 209 14.09 16.79 -6.21
C TYR B 209 13.42 15.61 -6.88
N GLY B 210 12.84 15.81 -8.07
CA GLY B 210 12.30 14.69 -8.86
C GLY B 210 13.29 13.58 -9.13
N PHE B 211 14.52 13.95 -9.51
CA PHE B 211 15.62 13.00 -9.66
C PHE B 211 16.01 12.25 -8.37
N ASN B 212 15.95 12.94 -7.24
CA ASN B 212 16.17 12.27 -5.95
C ASN B 212 15.13 11.24 -5.67
N LEU B 213 13.88 11.61 -5.91
CA LEU B 213 12.78 10.65 -5.79
C LEU B 213 13.00 9.44 -6.68
N MET B 214 13.55 9.65 -7.88
CA MET B 214 13.93 8.52 -8.75
C MET B 214 15.07 7.64 -8.21
N VAL B 215 16.13 8.26 -7.69
CA VAL B 215 17.25 7.55 -7.08
C VAL B 215 16.74 6.70 -5.89
N VAL B 216 15.94 7.28 -5.00
CA VAL B 216 15.47 6.51 -3.83
C VAL B 216 14.59 5.35 -4.28
N TYR B 217 13.67 5.62 -5.23
CA TYR B 217 12.76 4.61 -5.79
C TYR B 217 13.53 3.43 -6.39
N TYR B 218 14.54 3.72 -7.18
CA TYR B 218 15.39 2.68 -7.75
C TYR B 218 16.13 1.87 -6.66
N LEU B 219 16.71 2.57 -5.66
CA LEU B 219 17.49 1.93 -4.61
C LEU B 219 16.58 1.12 -3.70
N LEU B 220 15.32 1.53 -3.58
CA LEU B 220 14.32 0.79 -2.85
C LEU B 220 13.92 -0.52 -3.58
N GLN B 221 13.86 -0.49 -4.93
CA GLN B 221 13.60 -1.69 -5.75
C GLN B 221 14.71 -2.73 -5.68
N ARG B 222 15.94 -2.27 -5.50
CA ARG B 222 17.10 -3.16 -5.34
C ARG B 222 17.45 -3.52 -3.90
N ASN B 223 16.57 -3.15 -2.96
CA ASN B 223 16.82 -3.40 -1.55
C ASN B 223 18.05 -2.74 -0.93
N HIS B 224 18.57 -1.70 -1.57
CA HIS B 224 19.68 -0.96 -0.97
C HIS B 224 19.18 0.00 0.11
N LEU B 225 17.85 0.20 0.15
CA LEU B 225 17.20 1.00 1.16
C LEU B 225 15.97 0.29 1.67
N GLN B 226 15.58 0.62 2.90
CA GLN B 226 14.38 0.04 3.49
C GLN B 226 13.31 1.10 3.52
N PHE B 227 12.08 0.71 3.25
CA PHE B 227 11.00 1.64 3.15
C PHE B 227 10.70 2.42 4.45
N VAL B 228 10.59 3.74 4.31
CA VAL B 228 10.14 4.64 5.39
C VAL B 228 8.81 5.29 5.01
N PRO B 229 7.71 5.02 5.74
CA PRO B 229 6.46 5.69 5.37
C PRO B 229 6.56 7.22 5.49
N PRO B 230 6.20 7.96 4.42
CA PRO B 230 6.15 9.45 4.54
C PRO B 230 5.37 10.00 5.77
N SER B 231 4.21 9.42 6.11
CA SER B 231 3.38 9.86 7.25
C SER B 231 4.15 9.87 8.57
N THR B 232 5.25 9.14 8.57
CA THR B 232 6.14 8.95 9.69
C THR B 232 7.04 10.17 10.03
N ILE B 233 7.24 11.07 9.08
CA ILE B 233 8.04 12.27 9.26
C ILE B 233 7.17 13.36 9.91
N ASP B 234 7.55 13.76 11.13
CA ASP B 234 6.78 14.68 11.98
C ASP B 234 7.55 15.99 12.15
N VAL B 235 7.04 17.09 11.62
CA VAL B 235 7.68 18.41 11.72
C VAL B 235 8.00 18.81 13.18
N SER B 236 7.17 18.38 14.12
CA SER B 236 7.45 18.59 15.56
C SER B 236 8.80 18.00 15.93
N ARG B 237 9.05 16.76 15.48
CA ARG B 237 10.25 16.01 15.84
C ARG B 237 11.46 16.23 14.91
N VAL B 238 11.28 16.89 13.77
CA VAL B 238 12.42 17.11 12.85
C VAL B 238 13.29 18.25 13.36
N GLU B 239 14.60 18.03 13.33
CA GLU B 239 15.55 19.07 13.69
C GLU B 239 15.37 20.27 12.76
N PRO B 240 15.18 21.47 13.33
CA PRO B 240 15.11 22.69 12.50
C PRO B 240 16.42 22.96 11.76
N LEU B 241 17.51 22.42 12.30
CA LEU B 241 18.82 22.53 11.66
C LEU B 241 19.63 21.27 11.96
N PRO B 242 19.50 20.26 11.09
CA PRO B 242 20.18 18.99 11.33
C PRO B 242 21.72 19.13 11.21
N PRO B 243 22.47 18.24 11.88
CA PRO B 243 23.92 18.25 11.88
C PRO B 243 24.57 17.89 10.54
N HIS B 244 25.88 18.11 10.44
CA HIS B 244 26.66 17.74 9.27
C HIS B 244 26.86 16.24 9.24
N LEU B 245 26.79 15.65 8.05
CA LEU B 245 26.99 14.21 7.83
C LEU B 245 28.12 14.03 6.80
N PRO B 246 29.33 13.65 7.27
CA PRO B 246 30.55 13.68 6.44
C PRO B 246 30.44 12.74 5.26
N LEU B 247 30.90 13.21 4.10
CA LEU B 247 30.87 12.42 2.88
C LEU B 247 32.24 11.83 2.66
N GLU B 248 32.40 10.53 2.88
CA GLU B 248 33.66 9.85 2.57
C GLU B 248 33.80 9.63 1.07
N GLU B 249 35.03 9.80 0.57
CA GLU B 249 35.39 9.40 -0.79
C GLU B 249 35.35 7.87 -0.89
N PRO B 250 34.70 7.32 -1.95
CA PRO B 250 34.57 5.86 -2.07
C PRO B 250 35.93 5.17 -1.95
N ALA B 251 35.96 4.03 -1.26
CA ALA B 251 37.19 3.26 -1.09
C ALA B 251 37.29 2.15 -2.16
N ASP B 252 36.22 2.04 -2.95
CA ASP B 252 36.07 1.09 -4.04
C ASP B 252 36.97 1.38 -5.22
N GLU B 253 37.59 2.57 -5.18
CA GLU B 253 38.06 3.29 -6.37
C GLU B 253 36.86 3.75 -7.25
N GLY B 254 35.65 3.44 -6.79
CA GLY B 254 34.40 3.83 -7.46
C GLY B 254 33.64 2.70 -8.11
N LEU B 255 33.98 1.45 -7.75
CA LEU B 255 33.35 0.27 -8.33
C LEU B 255 31.87 0.11 -7.96
N GLU B 256 31.52 0.30 -6.68
CA GLU B 256 30.12 0.23 -6.24
C GLU B 256 29.30 1.34 -6.90
N LEU B 257 29.90 2.53 -7.03
CA LEU B 257 29.27 3.69 -7.66
C LEU B 257 29.09 3.47 -9.17
N GLY B 258 30.15 2.97 -9.80
CA GLY B 258 30.09 2.59 -11.19
C GLY B 258 29.00 1.59 -11.47
N THR B 259 28.92 0.56 -10.64
CA THR B 259 27.89 -0.47 -10.77
C THR B 259 26.47 0.09 -10.61
N GLN B 260 26.28 0.90 -9.57
CA GLN B 260 25.02 1.58 -9.27
C GLN B 260 24.52 2.49 -10.39
N VAL B 261 25.44 3.27 -10.96
CA VAL B 261 25.08 4.19 -12.01
C VAL B 261 24.58 3.48 -13.24
N LEU B 262 25.30 2.47 -13.72
CA LEU B 262 24.87 1.74 -14.91
C LEU B 262 23.60 0.96 -14.64
N ASP B 263 23.47 0.48 -13.39
CA ASP B 263 22.28 -0.25 -12.97
C ASP B 263 21.05 0.65 -12.94
N PHE B 264 21.20 1.85 -12.35
CA PHE B 264 20.18 2.92 -12.37
C PHE B 264 19.75 3.26 -13.79
N LEU B 265 20.73 3.42 -14.70
CA LEU B 265 20.41 3.74 -16.11
C LEU B 265 19.62 2.63 -16.79
N HIS B 266 20.08 1.40 -16.60
CA HIS B 266 19.33 0.22 -17.10
C HIS B 266 17.92 0.17 -16.57
N PHE B 267 17.76 0.46 -15.27
CA PHE B 267 16.48 0.34 -14.60
C PHE B 267 15.46 1.28 -15.22
N PHE B 268 15.82 2.55 -15.38
CA PHE B 268 14.87 3.51 -15.93
C PHE B 268 14.66 3.40 -17.44
N LEU B 269 15.63 2.83 -18.13
CA LEU B 269 15.50 2.52 -19.55
C LEU B 269 14.65 1.30 -19.80
N HIS B 270 14.86 0.25 -19.02
CA HIS B 270 14.40 -1.10 -19.44
C HIS B 270 13.60 -1.90 -18.40
N GLU B 271 13.52 -1.39 -17.16
CA GLU B 271 12.81 -2.14 -16.12
C GLU B 271 11.63 -1.35 -15.63
N PHE B 272 11.87 -0.09 -15.27
CA PHE B 272 10.78 0.83 -15.07
C PHE B 272 9.92 0.89 -16.33
N ASP B 273 8.61 0.72 -16.16
CA ASP B 273 7.63 0.82 -17.26
C ASP B 273 6.80 2.09 -17.12
N SER B 274 7.14 3.12 -17.91
CA SER B 274 6.50 4.44 -17.85
C SER B 274 5.12 4.42 -18.45
N ASP B 275 4.81 3.36 -19.20
CA ASP B 275 3.45 3.16 -19.73
C ASP B 275 2.44 2.72 -18.66
N LYS B 276 2.95 2.09 -17.60
CA LYS B 276 2.11 1.46 -16.57
C LYS B 276 2.42 1.83 -15.12
N GLN B 277 3.63 2.31 -14.86
CA GLN B 277 4.08 2.50 -13.49
C GLN B 277 4.36 3.93 -13.06
N VAL B 278 4.42 4.13 -11.75
CA VAL B 278 4.62 5.45 -11.14
C VAL B 278 5.81 5.34 -10.19
N ILE B 279 6.77 6.26 -10.32
CA ILE B 279 7.88 6.35 -9.44
C ILE B 279 7.29 6.91 -8.14
N SER B 280 7.42 6.15 -7.05
CA SER B 280 6.77 6.56 -5.82
C SER B 280 7.48 6.11 -4.56
N LEU B 281 7.50 7.04 -3.58
CA LEU B 281 7.90 6.78 -2.19
C LEU B 281 6.71 6.76 -1.24
N ASN B 282 5.48 6.69 -1.76
CA ASN B 282 4.28 6.79 -0.92
C ASN B 282 3.85 5.47 -0.25
N ARG B 283 4.33 4.36 -0.81
CA ARG B 283 3.84 2.99 -0.52
C ARG B 283 4.97 2.17 -1.07
N PRO B 284 5.32 1.06 -0.41
CA PRO B 284 6.35 0.17 -0.97
C PRO B 284 5.75 -0.68 -2.09
N GLY B 285 6.62 -1.25 -2.91
CA GLY B 285 6.20 -1.99 -4.06
C GLY B 285 5.97 -1.16 -5.32
N ILE B 286 5.21 -1.74 -6.26
CA ILE B 286 4.83 -1.12 -7.52
C ILE B 286 3.51 -0.38 -7.43
N THR B 287 3.57 0.90 -7.79
CA THR B 287 2.40 1.77 -7.96
C THR B 287 2.04 1.90 -9.44
N THR B 288 0.85 1.46 -9.80
CA THR B 288 0.39 1.52 -11.19
C THR B 288 -0.17 2.89 -11.45
N LYS B 289 -0.07 3.35 -12.69
CA LYS B 289 -0.72 4.59 -13.13
C LYS B 289 -2.25 4.50 -12.96
N GLU B 290 -2.80 3.30 -13.14
CA GLU B 290 -4.24 3.05 -12.99
C GLU B 290 -4.77 3.35 -11.59
N GLU B 291 -4.02 2.98 -10.53
CA GLU B 291 -4.52 3.17 -9.18
C GLU B 291 -4.54 4.64 -8.73
N LEU B 292 -3.69 5.46 -9.33
CA LEU B 292 -3.68 6.90 -9.11
C LEU B 292 -4.57 7.67 -10.13
N ASP B 293 -4.98 6.98 -11.19
CA ASP B 293 -5.70 7.58 -12.32
C ASP B 293 -4.81 8.53 -13.11
N TRP B 294 -3.54 8.14 -13.18
CA TRP B 294 -2.54 8.92 -13.87
C TRP B 294 -2.33 8.22 -15.20
N THR B 295 -3.44 8.14 -15.93
CA THR B 295 -3.54 7.31 -17.12
C THR B 295 -3.65 8.12 -18.42
N LYS B 296 -3.45 7.40 -19.51
CA LYS B 296 -3.69 7.86 -20.87
C LYS B 296 -5.11 8.39 -21.04
N SER B 297 -6.10 7.71 -20.46
CA SER B 297 -7.48 8.20 -20.41
C SER B 297 -7.64 9.53 -19.69
N ALA B 298 -6.99 9.64 -18.53
CA ALA B 298 -6.98 10.90 -17.78
C ALA B 298 -6.36 12.10 -18.55
N GLU B 299 -5.30 11.83 -19.31
CA GLU B 299 -4.67 12.77 -20.24
C GLU B 299 -5.63 13.23 -21.32
N ASP B 300 -6.34 12.26 -21.91
CA ASP B 300 -7.28 12.50 -23.00
C ASP B 300 -8.49 13.29 -22.46
N PHE B 301 -8.95 12.89 -21.26
CA PHE B 301 -10.00 13.61 -20.56
C PHE B 301 -9.60 15.08 -20.32
N ALA B 302 -8.38 15.30 -19.82
CA ALA B 302 -7.88 16.65 -19.55
C ALA B 302 -7.91 17.49 -20.82
N ARG B 303 -7.39 16.94 -21.92
CA ARG B 303 -7.34 17.61 -23.23
C ARG B 303 -8.75 17.97 -23.76
N MET B 304 -9.69 17.05 -23.60
CA MET B 304 -11.09 17.30 -23.94
C MET B 304 -11.77 18.32 -23.00
N ASN B 305 -11.26 18.48 -21.79
CA ASN B 305 -11.93 19.28 -20.77
C ASN B 305 -11.28 20.62 -20.53
N GLY B 306 -10.40 21.03 -21.44
CA GLY B 306 -9.70 22.29 -21.35
C GLY B 306 -8.46 22.33 -20.47
N GLU B 307 -7.89 21.17 -20.17
CA GLU B 307 -6.67 21.12 -19.36
C GLU B 307 -5.51 20.47 -20.14
N LYS B 308 -4.34 20.43 -19.51
CA LYS B 308 -3.15 19.87 -20.14
C LYS B 308 -2.36 19.27 -19.00
N VAL B 309 -2.42 17.96 -18.88
CA VAL B 309 -1.73 17.23 -17.83
C VAL B 309 -1.00 16.12 -18.55
N HIS B 310 0.24 15.86 -18.14
CA HIS B 310 1.07 14.84 -18.77
C HIS B 310 1.34 13.71 -17.77
N TYR B 311 1.19 12.47 -18.24
CA TYR B 311 1.47 11.29 -17.44
C TYR B 311 2.37 10.34 -18.18
N GLN B 312 3.38 10.90 -18.82
CA GLN B 312 4.35 10.12 -19.60
C GLN B 312 5.46 9.64 -18.68
N TRP B 313 5.73 10.44 -17.65
CA TRP B 313 6.77 10.15 -16.69
C TRP B 313 6.31 10.57 -15.30
N CYS B 314 5.55 9.68 -14.69
CA CYS B 314 4.92 9.93 -13.40
C CYS B 314 5.85 9.70 -12.20
N ILE B 315 6.00 10.77 -11.40
CA ILE B 315 6.70 10.76 -10.12
C ILE B 315 5.70 11.28 -9.11
N GLU B 316 5.32 10.45 -8.15
CA GLU B 316 4.38 10.85 -7.10
C GLU B 316 5.08 11.67 -6.01
N ASP B 317 4.41 12.72 -5.52
CA ASP B 317 4.96 13.48 -4.39
C ASP B 317 4.50 12.85 -3.08
N PRO B 318 5.42 12.61 -2.12
CA PRO B 318 5.10 12.00 -0.81
C PRO B 318 4.11 12.79 0.06
N TYR B 319 4.02 14.12 -0.12
CA TYR B 319 3.15 14.96 0.74
C TYR B 319 2.06 15.78 0.06
N GLU B 320 2.34 16.22 -1.16
CA GLU B 320 1.39 17.06 -1.89
C GLU B 320 0.32 16.21 -2.51
N LEU B 321 -0.94 16.40 -2.12
CA LEU B 321 -1.97 15.59 -2.74
C LEU B 321 -2.02 15.91 -4.22
N ASN B 322 -1.91 14.86 -5.02
CA ASN B 322 -2.23 14.91 -6.42
C ASN B 322 -1.22 15.65 -7.30
N LEU B 323 0.01 15.80 -6.82
CA LEU B 323 1.06 16.46 -7.57
C LEU B 323 1.97 15.44 -8.27
N ASN B 324 2.05 15.55 -9.58
CA ASN B 324 2.97 14.77 -10.38
C ASN B 324 4.25 15.59 -10.56
N VAL B 325 5.33 15.10 -9.97
CA VAL B 325 6.62 15.78 -10.04
C VAL B 325 7.22 15.67 -11.45
N GLY B 326 6.69 14.75 -12.26
CA GLY B 326 7.05 14.65 -13.67
C GLY B 326 5.97 15.25 -14.56
N ARG B 327 5.18 16.20 -14.03
CA ARG B 327 4.08 16.86 -14.80
C ARG B 327 4.54 17.60 -16.09
N ASN B 328 5.84 17.94 -16.16
CA ASN B 328 6.42 18.73 -17.25
C ASN B 328 7.18 17.89 -18.26
N VAL B 329 7.15 16.57 -18.09
CA VAL B 329 7.69 15.63 -19.08
C VAL B 329 6.57 15.35 -20.11
N THR B 330 6.60 16.14 -21.18
CA THR B 330 5.76 15.99 -22.34
C THR B 330 6.19 14.73 -23.05
N PRO B 331 5.36 14.20 -23.97
CA PRO B 331 5.77 13.07 -24.82
C PRO B 331 7.16 13.21 -25.46
N LEU B 332 7.50 14.39 -25.97
CA LEU B 332 8.78 14.66 -26.61
C LEU B 332 9.93 14.79 -25.62
N LYS B 333 9.66 15.42 -24.47
CA LYS B 333 10.66 15.45 -23.40
C LYS B 333 10.91 14.07 -22.77
N ARG B 334 9.91 13.19 -22.84
CA ARG B 334 10.08 11.79 -22.46
C ARG B 334 11.10 11.08 -23.37
N ASP B 335 11.02 11.34 -24.67
CA ASP B 335 11.99 10.80 -25.65
C ASP B 335 13.43 11.33 -25.46
N PHE B 336 13.53 12.62 -25.20
CA PHE B 336 14.78 13.32 -24.87
C PHE B 336 15.42 12.62 -23.67
N LEU B 337 14.65 12.47 -22.60
CA LEU B 337 15.11 11.75 -21.40
C LEU B 337 15.66 10.35 -21.72
N ARG B 338 14.94 9.59 -22.55
CA ARG B 338 15.34 8.22 -22.84
C ARG B 338 16.66 8.18 -23.57
N ARG B 339 16.77 9.04 -24.60
CA ARG B 339 17.97 9.20 -25.43
C ARG B 339 19.16 9.61 -24.57
N HIS B 340 18.92 10.55 -23.66
CA HIS B 340 19.95 10.98 -22.71
C HIS B 340 20.37 9.87 -21.78
N LEU B 341 19.39 9.05 -21.35
CA LEU B 341 19.67 7.93 -20.45
C LEU B 341 20.55 6.88 -21.12
N GLU B 342 20.34 6.63 -22.42
CA GLU B 342 21.17 5.66 -23.17
C GLU B 342 22.60 6.13 -23.34
N LYS B 343 22.76 7.42 -23.62
CA LYS B 343 24.09 8.02 -23.82
C LYS B 343 24.95 7.90 -22.58
N ALA B 344 24.32 8.17 -21.43
CA ALA B 344 24.97 8.14 -20.13
C ALA B 344 25.73 6.85 -19.81
N ARG B 345 25.30 5.69 -20.30
CA ARG B 345 26.05 4.44 -19.99
C ARG B 345 27.39 4.36 -20.70
N ASP B 346 27.40 4.93 -21.90
CA ASP B 346 28.57 4.97 -22.75
C ASP B 346 29.51 6.12 -22.34
N THR B 347 28.97 7.30 -22.04
CA THR B 347 29.77 8.42 -21.57
C THR B 347 30.02 8.47 -20.04
N ALA B 348 29.65 7.44 -19.31
CA ALA B 348 29.69 7.47 -17.83
C ALA B 348 29.25 8.82 -17.29
N LEU B 349 27.97 9.13 -17.50
CA LEU B 349 27.37 10.40 -17.09
C LEU B 349 28.12 11.61 -17.61
N LEU B 350 28.50 11.54 -18.88
CA LEU B 350 29.27 12.59 -19.56
C LEU B 350 30.65 12.87 -18.88
N THR B 351 31.35 11.81 -18.48
CA THR B 351 32.67 11.99 -17.90
C THR B 351 33.77 11.38 -18.78
N ILE B 352 33.49 10.21 -19.35
CA ILE B 352 34.36 9.57 -20.34
C ILE B 352 34.00 10.06 -21.73
N VAL B 353 34.81 10.97 -22.25
CA VAL B 353 34.79 11.36 -23.67
C VAL B 353 36.22 11.72 -24.09
MG MG C . -10.75 -17.94 -1.13
MG MG D . -11.74 -14.24 -1.61
PG ATP E . -13.96 -18.80 -2.21
O1G ATP E . -14.98 -17.82 -2.63
O2G ATP E . -14.23 -20.16 -2.74
O3G ATP E . -12.49 -18.38 -2.22
PB ATP E . -13.54 -18.91 0.72
O1B ATP E . -12.04 -19.04 0.53
O2B ATP E . -14.24 -19.85 1.64
O3B ATP E . -14.39 -18.97 -0.64
PA ATP E . -13.20 -16.06 1.11
O1A ATP E . -12.30 -16.09 -0.08
O2A ATP E . -14.39 -15.13 1.02
O3A ATP E . -13.86 -17.47 1.40
O5' ATP E . -12.36 -15.76 2.46
C5' ATP E . -11.07 -16.31 2.81
C4' ATP E . -10.59 -15.53 4.02
O4' ATP E . -10.72 -14.12 3.83
C3' ATP E . -11.44 -15.83 5.26
O3' ATP E . -10.78 -16.77 6.09
C2' ATP E . -11.56 -14.53 6.01
O2' ATP E . -10.48 -14.40 6.92
C1' ATP E . -11.30 -13.45 4.98
N9 ATP E . -12.57 -12.73 4.72
C8 ATP E . -13.40 -12.96 3.67
N7 ATP E . -14.49 -12.16 3.69
C5 ATP E . -14.38 -11.37 4.76
C6 ATP E . -15.20 -10.28 5.37
N6 ATP E . -16.34 -9.89 4.79
N1 ATP E . -14.76 -9.69 6.51
C2 ATP E . -13.61 -10.08 7.10
N3 ATP E . -12.82 -11.05 6.60
C4 ATP E . -13.14 -11.74 5.45
#